data_3N8W
#
_entry.id   3N8W
#
_cell.length_a   182.483
_cell.length_b   182.483
_cell.length_c   103.095
_cell.angle_alpha   90.00
_cell.angle_beta   90.00
_cell.angle_gamma   120.00
#
_symmetry.space_group_name_H-M   'P 65'
#
loop_
_entity.id
_entity.type
_entity.pdbx_description
1 polymer 'Prostaglandin G/H synthase 1'
2 polymer 'Prostaglandin G/H synthase 1'
3 branched 2-acetamido-2-deoxy-alpha-D-glucopyranose-(1-4)-2-acetamido-2-deoxy-beta-D-glucopyranose
4 branched beta-D-mannopyranose-(1-4)-2-acetamido-2-deoxy-beta-D-glucopyranose-(1-4)-2-acetamido-2-deoxy-beta-D-glucopyranose
5 branched alpha-D-mannopyranose-(1-6)-alpha-D-mannopyranose-(1-6)-beta-D-mannopyranose-(1-4)-2-acetamido-2-deoxy-alpha-D-glucopyranose-(1-4)-2-acetamido-2-deoxy-beta-D-glucopyranose
6 branched alpha-D-mannopyranose-(1-4)-2-acetamido-2-deoxy-beta-D-glucopyranose-(1-4)-2-acetamido-2-deoxy-beta-D-glucopyranose
7 branched beta-D-mannopyranose-(1-4)-2-acetamido-2-deoxy-alpha-D-glucopyranose-(1-4)-2-acetamido-2-deoxy-beta-D-glucopyranose
8 non-polymer 'PROTOPORPHYRIN IX CONTAINING FE'
9 non-polymer FLURBIPROFEN
10 non-polymer 'octyl beta-D-glucopyranoside'
11 water water
#
loop_
_entity_poly.entity_id
_entity_poly.type
_entity_poly.pdbx_seq_one_letter_code
_entity_poly.pdbx_strand_id
1 'polypeptide(L)'
;PVNPCCYYPCQHQGICVRFGLDRYQCDCTRTGYSGPNCTIPEIWTWLRTTLRPSPSFIHFLLTHGRWLWDFVNATFIRDT
LMRLVLTVRSNLIPSPPTYNIAHDYISWESFSNVSYYTRILPSVPRDCPTPMGTKGKKQLPDAEFLSRRFLLRRKFIPDP
QGTNLMFAFFAQHFTHQFFKTSGKMGPGFTKALGHGVDLGHIYGDNLERQYQLRLFKDGKLKYQMLNGEVYPPSVEEAPV
LMHYPRGIPPQSQMAVGQEVFGLLPGLMLYATIWLREHNRVCDLLKAEHPTWGDEQLFQTARLILIGETIKIVIEEYVQQ
LSGYFLQLKFDPELLFGAQFQYRNRIAMEFNQLYHWHPLMPDSFRVGPQDYSYEQFLFNTSMLVDYGVEALVDAFSRQPA
GRIGGGRNIDHHILHVAVDVIKESRVLRLQPFNEYRKRFGMKPYTSFQELTGEKEMAAELEELYGDIDALEFYPGLLLEK
CHPNSIFGESMIEMGAPFSLKGLLGNPICSPEYWKASTFGGEVGFNLVKTATLKKLVCLNTKTCPYVSFHVPD
;
A
2 'polypeptide(L)'
;PVNPCCYYPCQHQGICVRFGLDRYQCDCTRTGYSGPNCTIPEIWTWLRTTLRPSPSFIHFLLTHGRWLWDFVNATFIRDT
LMRLVLTVQSNLIPSPPTYNIAHDYISWESFSNVSYYTRILPSVPRDCPTPMGTKGKKQLPDAEFLSRRFLLRRKFIPDP
QGTNLMFAFFAQHFTHQFFKTSGKMGPGFTKALGHGVDLGHIYGDNLERQYQLRLFKDGKLKYQMLNGEVYPPSVEEAPV
LMHYPRGIPPQSQMAVGQEVFGLLPGLMLYATIWLREHNRVCDLLKAEHPTWGDEQLFQTARLILIGETIKIVIEEYVQQ
LSGYFLQLKFDPELLFGAQFQYRNRIAMEFNQLYHWHPLMPDSFRVGPQDYSYEQFLFNTSMLVDYGVEALVDAFSRQPA
GRIGGGRNIDHHILHVAVDVIKESRVLRLQPFNEYRKRFGMKPYTSFQELTGEKEMAAELEELYGDIDALEFYPGLLLEK
CHPNSIFGESMIEMGAPFSLKGLLGNPICSPEYWKASTFGGEVGFNLVKTATLKKLVCLNTKTCPYVSFHVPD
;
B
#
loop_
_chem_comp.id
_chem_comp.type
_chem_comp.name
_chem_comp.formula
BMA D-saccharide, beta linking beta-D-mannopyranose 'C6 H12 O6'
BOG D-saccharide 'octyl beta-D-glucopyranoside' 'C14 H28 O6'
FLP non-polymer FLURBIPROFEN 'C15 H13 F O2'
HEM non-polymer 'PROTOPORPHYRIN IX CONTAINING FE' 'C34 H32 Fe N4 O4'
MAN D-saccharide, alpha linking alpha-D-mannopyranose 'C6 H12 O6'
NAG D-saccharide, beta linking 2-acetamido-2-deoxy-beta-D-glucopyranose 'C8 H15 N O6'
NDG D-saccharide, alpha linking 2-acetamido-2-deoxy-alpha-D-glucopyranose 'C8 H15 N O6'
#
# COMPACT_ATOMS: atom_id res chain seq x y z
N PRO A 1 35.16 8.41 -18.65
CA PRO A 1 34.27 8.54 -19.81
C PRO A 1 32.85 9.00 -19.43
N VAL A 2 32.22 9.71 -20.37
CA VAL A 2 30.86 10.25 -20.18
C VAL A 2 29.79 9.17 -20.00
N ASN A 3 28.94 9.35 -18.99
CA ASN A 3 27.84 8.44 -18.71
C ASN A 3 26.90 8.33 -19.92
N PRO A 4 26.74 7.11 -20.46
CA PRO A 4 25.89 6.84 -21.62
C PRO A 4 24.41 7.14 -21.40
N CYS A 5 23.91 6.92 -20.18
CA CYS A 5 22.52 7.20 -19.84
C CYS A 5 22.17 8.69 -19.84
N CYS A 6 23.18 9.54 -19.97
CA CYS A 6 22.98 11.00 -20.06
C CYS A 6 22.31 11.41 -21.37
N TYR A 7 22.42 10.55 -22.38
CA TYR A 7 21.81 10.78 -23.68
C TYR A 7 20.33 10.38 -23.70
N TYR A 8 19.89 9.72 -22.63
CA TYR A 8 18.56 9.06 -22.55
C TYR A 8 18.30 8.18 -23.77
N PRO A 9 19.10 7.12 -23.95
CA PRO A 9 19.01 6.29 -25.17
C PRO A 9 17.70 5.51 -25.27
N CYS A 10 17.22 4.99 -24.14
CA CYS A 10 16.08 4.07 -24.13
C CYS A 10 14.75 4.78 -24.30
N GLN A 11 14.12 4.56 -25.45
CA GLN A 11 12.82 5.15 -25.78
C GLN A 11 11.65 4.32 -25.26
N HIS A 12 10.52 5.00 -25.07
CA HIS A 12 9.24 4.36 -24.74
C HIS A 12 9.26 3.60 -23.42
N GLN A 13 9.81 4.24 -22.39
CA GLN A 13 9.79 3.71 -21.02
C GLN A 13 10.80 2.58 -20.75
N GLY A 14 11.70 2.35 -21.70
CA GLY A 14 12.81 1.43 -21.48
C GLY A 14 13.74 2.01 -20.43
N ILE A 15 14.39 1.14 -19.66
CA ILE A 15 15.21 1.57 -18.54
C ILE A 15 16.71 1.44 -18.84
N CYS A 16 17.41 2.57 -18.77
CA CYS A 16 18.85 2.62 -19.00
C CYS A 16 19.60 2.11 -17.78
N VAL A 17 20.47 1.13 -18.00
CA VAL A 17 21.29 0.57 -16.93
C VAL A 17 22.74 0.53 -17.40
N ARG A 18 23.63 1.05 -16.56
CA ARG A 18 25.07 1.02 -16.82
C ARG A 18 25.65 -0.38 -16.61
N PHE A 19 26.42 -0.85 -17.60
CA PHE A 19 27.19 -2.09 -17.48
C PHE A 19 28.65 -1.79 -17.76
N GLY A 20 29.55 -2.46 -17.03
CA GLY A 20 30.99 -2.26 -17.20
C GLY A 20 31.42 -0.82 -16.98
N LEU A 21 32.38 -0.37 -17.77
CA LEU A 21 32.94 0.99 -17.61
C LEU A 21 32.16 2.06 -18.36
N ASP A 22 31.90 1.84 -19.66
CA ASP A 22 31.27 2.86 -20.50
C ASP A 22 30.02 2.38 -21.25
N ARG A 23 29.62 1.13 -21.00
CA ARG A 23 28.50 0.52 -21.71
C ARG A 23 27.16 0.75 -21.02
N TYR A 24 26.08 0.58 -21.78
CA TYR A 24 24.73 0.65 -21.23
C TYR A 24 23.83 -0.41 -21.88
N GLN A 25 22.75 -0.76 -21.21
CA GLN A 25 21.75 -1.65 -21.77
C GLN A 25 20.35 -1.17 -21.43
N CYS A 26 19.42 -1.34 -22.37
CA CYS A 26 18.03 -0.97 -22.16
C CYS A 26 17.21 -2.20 -21.84
N ASP A 27 16.34 -2.07 -20.85
CA ASP A 27 15.43 -3.14 -20.48
C ASP A 27 14.05 -2.81 -21.06
N CYS A 28 13.76 -3.40 -22.22
CA CYS A 28 12.53 -3.11 -22.96
C CYS A 28 11.32 -3.92 -22.50
N THR A 29 11.50 -4.72 -21.45
CA THR A 29 10.42 -5.53 -20.89
C THR A 29 9.07 -4.79 -20.89
N ARG A 30 8.09 -5.40 -21.56
CA ARG A 30 6.68 -4.94 -21.57
C ARG A 30 6.43 -3.48 -22.00
N THR A 31 7.40 -2.87 -22.69
CA THR A 31 7.24 -1.52 -23.21
C THR A 31 6.46 -1.51 -24.51
N GLY A 32 6.45 -2.66 -25.20
CA GLY A 32 5.84 -2.77 -26.52
C GLY A 32 6.89 -2.76 -27.60
N TYR A 33 8.15 -2.70 -27.18
CA TYR A 33 9.27 -2.54 -28.11
C TYR A 33 10.40 -3.57 -27.93
N SER A 34 11.23 -3.69 -28.97
CA SER A 34 12.41 -4.56 -28.98
C SER A 34 13.64 -3.73 -29.37
N GLY A 35 14.80 -4.38 -29.46
CA GLY A 35 16.03 -3.71 -29.92
C GLY A 35 16.82 -2.99 -28.84
N PRO A 36 18.02 -2.51 -29.19
CA PRO A 36 18.97 -1.90 -28.25
C PRO A 36 18.46 -0.66 -27.50
N ASN A 37 17.67 0.19 -28.17
CA ASN A 37 17.12 1.40 -27.55
C ASN A 37 15.61 1.36 -27.31
N CYS A 38 15.02 0.19 -27.53
CA CYS A 38 13.56 0.00 -27.49
C CYS A 38 12.83 0.83 -28.55
N THR A 39 13.26 0.71 -29.81
CA THR A 39 12.63 1.45 -30.91
C THR A 39 11.90 0.55 -31.92
N ILE A 40 12.28 -0.71 -31.99
CA ILE A 40 11.62 -1.69 -32.87
C ILE A 40 10.25 -2.09 -32.27
N PRO A 41 9.14 -1.78 -32.97
CA PRO A 41 7.83 -2.04 -32.39
C PRO A 41 7.28 -3.44 -32.70
N GLU A 42 6.64 -4.05 -31.70
CA GLU A 42 5.94 -5.33 -31.85
C GLU A 42 4.73 -5.18 -32.76
N ILE A 43 4.26 -6.29 -33.33
CA ILE A 43 3.14 -6.27 -34.28
C ILE A 43 1.93 -5.46 -33.80
N TRP A 44 1.51 -5.68 -32.56
CA TRP A 44 0.35 -4.95 -32.01
C TRP A 44 0.66 -3.47 -31.75
N THR A 45 1.86 -3.18 -31.24
CA THR A 45 2.25 -1.79 -30.96
C THR A 45 2.22 -0.92 -32.21
N TRP A 46 2.74 -1.44 -33.32
CA TRP A 46 2.71 -0.76 -34.61
C TRP A 46 1.27 -0.44 -35.00
N LEU A 47 0.41 -1.46 -35.00
CA LEU A 47 -1.04 -1.27 -35.21
C LEU A 47 -1.58 -0.14 -34.35
N ARG A 48 -1.27 -0.18 -33.06
CA ARG A 48 -1.72 0.81 -32.09
C ARG A 48 -1.29 2.22 -32.46
N THR A 49 -0.01 2.38 -32.80
CA THR A 49 0.59 3.71 -33.05
C THR A 49 0.10 4.38 -34.33
N THR A 50 -0.14 3.59 -35.38
CA THR A 50 -0.60 4.13 -36.65
C THR A 50 -2.09 4.48 -36.60
N LEU A 51 -2.87 3.66 -35.89
CA LEU A 51 -4.31 3.88 -35.74
C LEU A 51 -4.65 4.96 -34.71
N ARG A 52 -3.73 5.22 -33.78
CA ARG A 52 -3.96 6.22 -32.73
C ARG A 52 -3.81 7.64 -33.28
N PRO A 53 -4.86 8.46 -33.14
CA PRO A 53 -4.80 9.86 -33.56
C PRO A 53 -4.05 10.72 -32.53
N SER A 54 -3.59 11.89 -32.95
CA SER A 54 -2.83 12.80 -32.08
C SER A 54 -3.69 13.32 -30.94
N PRO A 55 -3.09 13.53 -29.75
CA PRO A 55 -3.76 14.10 -28.57
C PRO A 55 -4.61 15.35 -28.88
N SER A 56 -4.08 16.26 -29.71
CA SER A 56 -4.79 17.48 -30.09
C SER A 56 -6.10 17.20 -30.84
N PHE A 57 -6.12 16.13 -31.62
CA PHE A 57 -7.32 15.70 -32.33
C PHE A 57 -8.40 15.23 -31.36
N ILE A 58 -8.02 14.44 -30.36
CA ILE A 58 -8.97 13.97 -29.35
C ILE A 58 -9.52 15.16 -28.56
N HIS A 59 -8.64 16.08 -28.18
CA HIS A 59 -9.04 17.30 -27.48
C HIS A 59 -10.07 18.09 -28.29
N PHE A 60 -9.96 18.02 -29.61
CA PHE A 60 -10.92 18.67 -30.50
C PHE A 60 -12.31 18.05 -30.41
N LEU A 61 -12.37 16.72 -30.55
CA LEU A 61 -13.64 15.98 -30.51
C LEU A 61 -14.35 16.14 -29.17
N LEU A 62 -13.58 16.13 -28.09
CA LEU A 62 -14.13 16.27 -26.74
C LEU A 62 -14.66 17.67 -26.46
N THR A 63 -14.12 18.67 -27.15
CA THR A 63 -14.49 20.07 -26.90
C THR A 63 -15.35 20.69 -28.00
N HIS A 64 -15.78 19.87 -28.96
CA HIS A 64 -16.61 20.35 -30.07
C HIS A 64 -17.74 19.36 -30.38
N GLY A 65 -18.66 19.77 -31.24
CA GLY A 65 -19.76 18.91 -31.69
C GLY A 65 -20.73 18.53 -30.58
N ARG A 66 -21.44 19.52 -30.07
CA ARG A 66 -22.30 19.35 -28.91
C ARG A 66 -23.46 18.37 -29.13
N TRP A 67 -24.05 18.39 -30.33
CA TRP A 67 -25.17 17.50 -30.66
C TRP A 67 -24.84 16.02 -30.45
N LEU A 68 -23.68 15.59 -30.95
CA LEU A 68 -23.19 14.23 -30.74
C LEU A 68 -23.05 13.91 -29.25
N TRP A 69 -22.58 14.88 -28.48
CA TRP A 69 -22.35 14.70 -27.05
C TRP A 69 -23.62 14.64 -26.20
N ASP A 70 -24.66 15.34 -26.62
CA ASP A 70 -25.98 15.25 -25.98
C ASP A 70 -26.47 13.81 -26.02
N PHE A 71 -26.33 13.19 -27.19
CA PHE A 71 -26.69 11.80 -27.44
C PHE A 71 -25.79 10.86 -26.61
N VAL A 72 -24.48 11.07 -26.69
CA VAL A 72 -23.52 10.23 -25.96
C VAL A 72 -23.79 10.22 -24.46
N ASN A 73 -24.00 11.39 -23.88
CA ASN A 73 -24.16 11.53 -22.42
C ASN A 73 -25.40 10.85 -21.83
N ALA A 74 -26.44 10.70 -22.66
CA ALA A 74 -27.68 10.04 -22.25
C ALA A 74 -27.73 8.55 -22.58
N THR A 75 -26.61 8.00 -23.04
CA THR A 75 -26.50 6.56 -23.34
C THR A 75 -25.35 5.92 -22.59
N PHE A 76 -25.25 4.59 -22.70
CA PHE A 76 -24.17 3.82 -22.09
C PHE A 76 -22.78 4.27 -22.53
N ILE A 77 -22.72 4.94 -23.68
CA ILE A 77 -21.46 5.42 -24.26
C ILE A 77 -20.74 6.39 -23.30
N ARG A 78 -21.52 7.02 -22.42
CA ARG A 78 -20.97 7.83 -21.34
C ARG A 78 -20.08 6.98 -20.43
N ASP A 79 -20.56 5.79 -20.06
CA ASP A 79 -19.82 4.87 -19.20
C ASP A 79 -18.64 4.24 -19.93
N THR A 80 -18.82 3.97 -21.22
CA THR A 80 -17.80 3.34 -22.06
C THR A 80 -16.57 4.24 -22.16
N LEU A 81 -16.81 5.51 -22.49
CA LEU A 81 -15.74 6.47 -22.70
C LEU A 81 -15.06 6.82 -21.38
N MET A 82 -15.85 7.00 -20.33
CA MET A 82 -15.31 7.32 -19.01
C MET A 82 -14.33 6.24 -18.57
N ARG A 83 -14.71 4.97 -18.76
CA ARG A 83 -13.83 3.85 -18.45
C ARG A 83 -12.52 3.96 -19.22
N LEU A 84 -12.63 4.30 -20.50
CA LEU A 84 -11.47 4.48 -21.37
C LEU A 84 -10.59 5.61 -20.85
N VAL A 85 -11.22 6.71 -20.41
CA VAL A 85 -10.49 7.84 -19.83
C VAL A 85 -9.74 7.39 -18.58
N LEU A 86 -10.46 6.71 -17.68
CA LEU A 86 -9.87 6.20 -16.45
C LEU A 86 -8.67 5.27 -16.70
N THR A 87 -8.91 4.17 -17.44
CA THR A 87 -7.91 3.12 -17.60
C THR A 87 -6.69 3.56 -18.39
N VAL A 88 -6.90 4.25 -19.51
CA VAL A 88 -5.78 4.65 -20.38
C VAL A 88 -4.90 5.73 -19.73
N ARG A 89 -5.52 6.61 -18.95
CA ARG A 89 -4.78 7.67 -18.25
C ARG A 89 -3.93 7.12 -17.11
N SER A 90 -4.54 6.36 -16.21
CA SER A 90 -3.87 5.90 -15.00
C SER A 90 -2.75 4.92 -15.31
N ASN A 91 -2.93 4.11 -16.35
CA ASN A 91 -1.88 3.19 -16.83
C ASN A 91 -0.50 3.85 -16.99
N LEU A 92 -0.49 5.13 -17.36
CA LEU A 92 0.76 5.89 -17.51
C LEU A 92 1.52 6.12 -16.19
N ILE A 93 0.91 5.74 -15.07
CA ILE A 93 1.51 5.91 -13.75
C ILE A 93 1.99 4.55 -13.23
N PRO A 94 3.28 4.45 -12.87
CA PRO A 94 3.79 3.22 -12.29
C PRO A 94 3.10 2.91 -10.96
N SER A 95 2.77 1.64 -10.76
CA SER A 95 2.13 1.18 -9.53
C SER A 95 2.40 -0.32 -9.35
N PRO A 96 3.14 -0.69 -8.29
CA PRO A 96 3.68 0.13 -7.20
C PRO A 96 4.69 1.15 -7.72
N PRO A 97 4.91 2.25 -6.97
CA PRO A 97 5.76 3.35 -7.42
C PRO A 97 7.21 2.93 -7.70
N THR A 98 7.88 3.68 -8.55
CA THR A 98 9.25 3.35 -8.94
C THR A 98 10.32 4.07 -8.11
N TYR A 99 10.60 5.33 -8.46
CA TYR A 99 11.79 6.02 -7.95
C TYR A 99 11.51 7.13 -6.93
N ASN A 100 12.59 7.66 -6.35
CA ASN A 100 12.55 8.83 -5.46
C ASN A 100 13.89 9.58 -5.54
N ILE A 101 14.03 10.67 -4.78
CA ILE A 101 15.24 11.52 -4.84
C ILE A 101 16.54 10.77 -4.53
N ALA A 102 16.46 9.74 -3.69
CA ALA A 102 17.62 8.95 -3.30
C ALA A 102 17.96 7.85 -4.32
N HIS A 103 16.95 7.22 -4.90
CA HIS A 103 17.16 6.11 -5.82
C HIS A 103 16.60 6.35 -7.22
N ASP A 104 17.47 6.28 -8.22
CA ASP A 104 17.07 6.33 -9.64
C ASP A 104 16.92 4.92 -10.19
N TYR A 105 16.44 4.02 -9.34
CA TYR A 105 16.29 2.59 -9.66
C TYR A 105 15.28 2.01 -8.68
N ILE A 106 14.81 0.80 -8.94
CA ILE A 106 13.85 0.18 -8.04
C ILE A 106 14.54 -0.42 -6.82
N SER A 107 14.04 -0.05 -5.64
CA SER A 107 14.55 -0.54 -4.36
C SER A 107 13.40 -0.74 -3.37
N TRP A 108 13.62 -1.60 -2.39
CA TRP A 108 12.63 -1.81 -1.34
C TRP A 108 12.38 -0.53 -0.54
N GLU A 109 13.47 0.18 -0.24
CA GLU A 109 13.41 1.45 0.47
C GLU A 109 12.53 2.48 -0.25
N SER A 110 12.63 2.54 -1.57
CA SER A 110 11.76 3.42 -2.35
C SER A 110 10.27 3.05 -2.21
N PHE A 111 10.00 1.75 -2.11
CA PHE A 111 8.64 1.25 -1.93
C PHE A 111 8.10 1.47 -0.51
N SER A 112 8.96 1.21 0.48
CA SER A 112 8.54 1.22 1.90
C SER A 112 8.40 2.59 2.53
N ASN A 113 9.26 3.52 2.12
CA ASN A 113 9.42 4.78 2.82
C ASN A 113 8.52 5.87 2.23
N VAL A 114 7.36 6.05 2.87
CA VAL A 114 6.32 6.95 2.37
C VAL A 114 6.60 8.42 2.66
N SER A 115 7.78 8.71 3.22
CA SER A 115 8.21 10.08 3.44
C SER A 115 8.71 10.72 2.15
N TYR A 116 8.98 9.89 1.15
CA TYR A 116 9.48 10.36 -0.14
C TYR A 116 8.32 10.61 -1.10
N TYR A 117 8.41 11.70 -1.86
CA TYR A 117 7.66 11.81 -3.11
C TYR A 117 8.27 10.81 -4.09
N THR A 118 7.46 10.29 -4.99
CA THR A 118 8.00 9.43 -6.04
C THR A 118 8.35 10.26 -7.28
N ARG A 119 8.86 9.61 -8.31
CA ARG A 119 9.08 10.27 -9.59
C ARG A 119 8.88 9.31 -10.77
N ILE A 120 8.56 9.86 -11.93
CA ILE A 120 8.22 9.05 -13.10
C ILE A 120 9.44 8.82 -13.99
N LEU A 121 10.22 9.87 -14.20
CA LEU A 121 11.52 9.74 -14.84
C LEU A 121 12.61 9.88 -13.77
N PRO A 122 13.72 9.15 -13.91
CA PRO A 122 14.83 9.28 -12.96
C PRO A 122 15.45 10.67 -13.05
N SER A 123 16.26 11.03 -12.06
CA SER A 123 16.95 12.31 -12.08
C SER A 123 18.00 12.34 -13.19
N VAL A 124 18.46 13.54 -13.52
CA VAL A 124 19.55 13.70 -14.47
C VAL A 124 20.84 13.34 -13.72
N PRO A 125 21.54 12.29 -14.18
CA PRO A 125 22.76 11.84 -13.48
C PRO A 125 23.76 12.98 -13.25
N ARG A 126 24.37 13.00 -12.06
CA ARG A 126 25.28 14.08 -11.65
C ARG A 126 26.55 14.17 -12.48
N ASP A 127 26.92 13.08 -13.15
CA ASP A 127 28.13 13.04 -13.97
C ASP A 127 27.92 13.47 -15.43
N CYS A 128 26.70 13.88 -15.77
CA CYS A 128 26.37 14.40 -17.09
C CYS A 128 27.09 15.73 -17.38
N PRO A 129 27.52 15.94 -18.64
CA PRO A 129 28.27 17.14 -19.05
C PRO A 129 27.51 18.45 -18.81
N THR A 130 26.21 18.45 -19.09
CA THR A 130 25.35 19.61 -18.87
C THR A 130 24.30 19.27 -17.82
N PRO A 131 23.78 20.29 -17.11
CA PRO A 131 22.76 20.10 -16.07
C PRO A 131 21.52 19.33 -16.50
N MET A 132 21.21 19.36 -17.79
CA MET A 132 20.01 18.72 -18.33
C MET A 132 20.30 17.40 -19.06
N GLY A 133 21.56 16.98 -19.02
CA GLY A 133 21.99 15.76 -19.71
C GLY A 133 23.18 16.04 -20.61
N THR A 134 22.93 16.10 -21.91
CA THR A 134 23.99 16.40 -22.88
C THR A 134 23.79 17.73 -23.61
N LYS A 135 22.56 18.22 -23.64
CA LYS A 135 22.22 19.43 -24.39
C LYS A 135 22.08 20.68 -23.50
N GLY A 136 22.32 21.84 -24.10
CA GLY A 136 22.20 23.11 -23.40
C GLY A 136 23.53 23.75 -23.02
N LYS A 137 23.44 24.82 -22.24
CA LYS A 137 24.62 25.55 -21.77
C LYS A 137 25.14 24.95 -20.46
N LYS A 138 26.39 25.26 -20.13
CA LYS A 138 27.05 24.78 -18.90
C LYS A 138 26.27 25.18 -17.65
N GLN A 139 25.77 26.42 -17.64
CA GLN A 139 24.87 26.90 -16.57
C GLN A 139 23.49 27.18 -17.14
N LEU A 140 22.46 26.76 -16.40
CA LEU A 140 21.06 27.06 -16.74
C LEU A 140 20.75 28.55 -16.56
N PRO A 141 19.67 29.04 -17.20
CA PRO A 141 19.31 30.45 -17.06
C PRO A 141 18.90 30.79 -15.64
N ASP A 142 19.18 32.03 -15.22
CA ASP A 142 18.81 32.51 -13.89
C ASP A 142 17.31 32.33 -13.63
N ALA A 143 16.98 31.73 -12.49
CA ALA A 143 15.59 31.42 -12.15
C ALA A 143 14.74 32.66 -11.90
N GLU A 144 15.32 33.64 -11.20
CA GLU A 144 14.64 34.90 -10.93
C GLU A 144 14.33 35.67 -12.22
N PHE A 145 15.31 35.70 -13.12
CA PHE A 145 15.20 36.39 -14.41
C PHE A 145 14.16 35.77 -15.34
N LEU A 146 14.04 34.44 -15.30
CA LEU A 146 13.06 33.70 -16.10
C LEU A 146 11.63 34.05 -15.69
N SER A 147 11.41 34.17 -14.38
CA SER A 147 10.10 34.55 -13.84
C SER A 147 9.73 35.97 -14.24
N ARG A 148 10.68 36.91 -14.10
CA ARG A 148 10.46 38.31 -14.44
C ARG A 148 10.04 38.48 -15.91
N ARG A 149 10.80 37.87 -16.81
CA ARG A 149 10.59 38.02 -18.25
C ARG A 149 9.36 37.30 -18.79
N PHE A 150 9.11 36.08 -18.30
CA PHE A 150 8.13 35.21 -18.92
C PHE A 150 6.94 34.82 -18.06
N LEU A 151 7.07 34.95 -16.75
CA LEU A 151 6.01 34.51 -15.82
C LEU A 151 5.35 35.64 -15.05
N LEU A 152 6.00 36.80 -15.00
CA LEU A 152 5.48 37.94 -14.25
C LEU A 152 4.32 38.63 -14.97
N ARG A 153 3.23 38.81 -14.25
CA ARG A 153 2.06 39.50 -14.76
C ARG A 153 2.36 40.95 -15.10
N ARG A 154 1.78 41.40 -16.20
CA ARG A 154 1.70 42.80 -16.53
C ARG A 154 0.23 43.21 -16.37
N LYS A 155 -0.55 43.09 -17.44
CA LYS A 155 -2.01 43.23 -17.34
C LYS A 155 -2.62 41.86 -16.98
N PHE A 156 -3.75 41.88 -16.28
CA PHE A 156 -4.41 40.66 -15.82
C PHE A 156 -5.10 39.92 -16.97
N ILE A 157 -4.82 38.62 -17.09
CA ILE A 157 -5.44 37.78 -18.12
C ILE A 157 -6.40 36.78 -17.46
N PRO A 158 -7.72 37.00 -17.65
CA PRO A 158 -8.72 36.11 -17.07
C PRO A 158 -8.80 34.79 -17.82
N ASP A 159 -9.11 33.71 -17.11
CA ASP A 159 -9.27 32.40 -17.75
C ASP A 159 -10.47 32.44 -18.68
N PRO A 160 -10.26 32.10 -19.97
CA PRO A 160 -11.31 32.18 -20.99
C PRO A 160 -12.43 31.18 -20.72
N GLN A 161 -12.15 30.14 -19.94
CA GLN A 161 -13.14 29.13 -19.59
C GLN A 161 -14.08 29.56 -18.46
N GLY A 162 -13.87 30.78 -17.95
CA GLY A 162 -14.75 31.36 -16.94
C GLY A 162 -14.53 30.88 -15.50
N THR A 163 -13.39 30.21 -15.28
CA THR A 163 -13.00 29.68 -13.96
C THR A 163 -12.91 30.80 -12.93
N ASN A 164 -13.50 30.57 -11.76
CA ASN A 164 -13.57 31.58 -10.71
C ASN A 164 -12.62 31.33 -9.54
N LEU A 165 -12.65 32.21 -8.54
CA LEU A 165 -11.81 32.05 -7.36
C LEU A 165 -12.34 30.98 -6.41
N MET A 166 -13.61 30.61 -6.57
CA MET A 166 -14.17 29.48 -5.82
C MET A 166 -13.44 28.20 -6.22
N PHE A 167 -13.13 28.08 -7.50
CA PHE A 167 -12.30 26.99 -8.00
C PHE A 167 -10.87 27.13 -7.51
N ALA A 168 -10.28 28.30 -7.75
CA ALA A 168 -8.88 28.57 -7.41
C ALA A 168 -8.55 28.25 -5.96
N PHE A 169 -9.49 28.53 -5.06
CA PHE A 169 -9.30 28.25 -3.64
C PHE A 169 -9.55 26.79 -3.29
N PHE A 170 -10.51 26.17 -3.96
CA PHE A 170 -10.76 24.74 -3.81
C PHE A 170 -9.49 24.00 -4.20
N ALA A 171 -8.95 24.31 -5.38
CA ALA A 171 -7.70 23.73 -5.86
C ALA A 171 -6.63 23.77 -4.79
N GLN A 172 -6.35 24.97 -4.28
CA GLN A 172 -5.32 25.17 -3.27
C GLN A 172 -5.61 24.42 -1.97
N HIS A 173 -6.87 24.40 -1.56
CA HIS A 173 -7.31 23.68 -0.38
C HIS A 173 -7.08 22.19 -0.60
N PHE A 174 -7.82 21.64 -1.56
CA PHE A 174 -7.79 20.24 -1.95
C PHE A 174 -6.38 19.65 -2.14
N THR A 175 -5.50 20.36 -2.82
CA THR A 175 -4.16 19.84 -3.12
C THR A 175 -3.26 19.77 -1.91
N HIS A 176 -3.46 20.68 -0.96
CA HIS A 176 -2.59 20.79 0.20
C HIS A 176 -2.81 19.70 1.27
N GLN A 177 -3.58 18.66 0.90
CA GLN A 177 -3.68 17.46 1.73
C GLN A 177 -2.63 16.43 1.29
N PHE A 178 -2.16 16.54 0.04
CA PHE A 178 -1.15 15.62 -0.48
C PHE A 178 0.10 16.31 -1.01
N PHE A 179 0.17 17.64 -0.87
CA PHE A 179 1.38 18.39 -1.12
C PHE A 179 1.80 19.10 0.16
N LYS A 180 2.60 18.41 0.97
CA LYS A 180 3.14 18.99 2.20
C LYS A 180 4.63 18.67 2.28
N THR A 181 5.43 19.51 1.63
CA THR A 181 6.86 19.27 1.54
C THR A 181 7.53 19.61 2.88
N SER A 182 8.41 18.72 3.31
CA SER A 182 9.10 18.84 4.59
C SER A 182 10.29 19.79 4.48
N GLY A 183 10.17 20.93 5.16
CA GLY A 183 11.27 21.91 5.24
C GLY A 183 12.46 21.36 6.03
N LYS A 184 12.16 20.61 7.08
CA LYS A 184 13.19 20.01 7.94
C LYS A 184 13.90 18.81 7.30
N MET A 185 13.20 18.12 6.40
CA MET A 185 13.79 16.98 5.69
C MET A 185 14.38 17.37 4.33
N GLY A 186 13.83 18.43 3.73
CA GLY A 186 14.30 18.91 2.44
C GLY A 186 13.36 18.57 1.30
N PRO A 187 13.63 19.12 0.09
CA PRO A 187 12.77 18.84 -1.07
C PRO A 187 12.85 17.38 -1.47
N GLY A 188 11.76 16.85 -2.02
CA GLY A 188 11.67 15.43 -2.36
C GLY A 188 11.09 14.60 -1.23
N PHE A 189 10.84 15.25 -0.09
CA PHE A 189 10.25 14.61 1.09
C PHE A 189 8.89 15.24 1.41
N THR A 190 8.01 14.46 2.05
CA THR A 190 6.62 14.88 2.29
C THR A 190 6.09 14.47 3.68
N LYS A 191 5.20 15.29 4.23
CA LYS A 191 4.55 15.01 5.52
C LYS A 191 3.18 14.38 5.32
N ALA A 192 2.62 14.56 4.12
CA ALA A 192 1.29 14.04 3.78
C ALA A 192 1.41 12.57 3.37
N LEU A 193 1.42 11.70 4.39
CA LEU A 193 1.73 10.28 4.19
C LEU A 193 0.55 9.45 3.66
N GLY A 194 -0.64 10.03 3.65
CA GLY A 194 -1.81 9.39 3.05
C GLY A 194 -1.70 9.32 1.54
N HIS A 195 -0.88 10.20 0.98
CA HIS A 195 -0.54 10.21 -0.45
C HIS A 195 -1.75 10.27 -1.38
N GLY A 196 -2.76 11.04 -0.98
CA GLY A 196 -3.95 11.20 -1.80
C GLY A 196 -5.07 11.89 -1.08
N VAL A 197 -6.29 11.47 -1.36
CA VAL A 197 -7.47 12.09 -0.78
C VAL A 197 -7.83 11.35 0.51
N ASP A 198 -7.07 11.63 1.57
CA ASP A 198 -7.29 11.07 2.89
C ASP A 198 -7.99 12.07 3.81
N LEU A 199 -8.15 13.30 3.30
CA LEU A 199 -8.68 14.45 4.04
C LEU A 199 -7.84 14.84 5.26
N GLY A 200 -6.54 14.58 5.18
CA GLY A 200 -5.60 14.94 6.24
C GLY A 200 -5.31 16.42 6.35
N HIS A 201 -6.10 17.22 5.65
CA HIS A 201 -6.04 18.68 5.75
C HIS A 201 -7.22 19.16 6.57
N ILE A 202 -8.12 18.22 6.88
CA ILE A 202 -9.26 18.44 7.75
C ILE A 202 -9.01 17.78 9.11
N TYR A 203 -8.43 16.58 9.09
CA TYR A 203 -8.21 15.80 10.30
C TYR A 203 -6.74 15.77 10.74
N GLY A 204 -5.86 16.40 9.98
CA GLY A 204 -4.44 16.42 10.31
C GLY A 204 -3.69 15.23 9.78
N ASP A 205 -2.38 15.37 9.61
CA ASP A 205 -1.56 14.33 9.01
C ASP A 205 -1.11 13.26 10.01
N ASN A 206 -1.43 13.45 11.28
CA ASN A 206 -1.07 12.47 12.30
C ASN A 206 -2.13 12.28 13.38
N LEU A 207 -2.08 11.11 14.03
CA LEU A 207 -3.08 10.70 15.02
C LEU A 207 -3.19 11.65 16.23
N GLU A 208 -2.05 12.00 16.83
CA GLU A 208 -2.04 12.86 18.03
C GLU A 208 -2.69 14.22 17.78
N ARG A 209 -2.53 14.73 16.56
CA ARG A 209 -3.17 15.96 16.10
C ARG A 209 -4.67 15.77 15.90
N GLN A 210 -5.04 14.75 15.13
CA GLN A 210 -6.44 14.39 14.90
C GLN A 210 -7.24 14.33 16.20
N TYR A 211 -6.65 13.65 17.19
CA TYR A 211 -7.24 13.52 18.52
C TYR A 211 -7.51 14.88 19.17
N GLN A 212 -6.60 15.83 18.97
CA GLN A 212 -6.75 17.17 19.53
C GLN A 212 -7.86 17.96 18.84
N LEU A 213 -8.12 17.64 17.57
CA LEU A 213 -9.19 18.30 16.81
C LEU A 213 -10.58 17.76 17.15
N ARG A 214 -10.63 16.53 17.65
CA ARG A 214 -11.89 15.83 17.86
C ARG A 214 -12.55 16.16 19.20
N LEU A 215 -13.87 16.35 19.15
CA LEU A 215 -14.67 16.49 20.36
C LEU A 215 -14.63 15.22 21.23
N PHE A 216 -14.57 14.07 20.56
CA PHE A 216 -14.74 12.75 21.19
C PHE A 216 -16.14 12.55 21.77
N LYS A 217 -17.08 13.30 21.20
CA LYS A 217 -18.51 13.11 21.43
C LYS A 217 -19.17 13.04 20.06
N ASP A 218 -20.00 12.00 19.87
CA ASP A 218 -20.81 11.81 18.65
C ASP A 218 -20.01 11.79 17.34
N GLY A 219 -18.72 11.51 17.44
CA GLY A 219 -17.84 11.43 16.27
C GLY A 219 -17.51 12.78 15.65
N LYS A 220 -17.87 13.85 16.35
CA LYS A 220 -17.76 15.20 15.83
C LYS A 220 -16.37 15.82 16.01
N LEU A 221 -16.10 16.85 15.22
CA LEU A 221 -14.91 17.67 15.38
C LEU A 221 -15.23 18.84 16.29
N LYS A 222 -14.22 19.34 17.01
CA LYS A 222 -14.37 20.51 17.85
C LYS A 222 -14.74 21.73 17.00
N TYR A 223 -15.51 22.64 17.59
CA TYR A 223 -15.97 23.84 16.90
C TYR A 223 -16.29 24.95 17.90
N GLN A 224 -16.43 26.18 17.41
CA GLN A 224 -16.84 27.31 18.23
C GLN A 224 -17.93 28.14 17.53
N MET A 225 -18.83 28.71 18.32
CA MET A 225 -19.90 29.54 17.79
C MET A 225 -19.46 30.99 17.77
N LEU A 226 -19.60 31.63 16.60
CA LEU A 226 -19.30 33.06 16.45
C LEU A 226 -20.37 33.69 15.58
N ASN A 227 -20.97 34.77 16.10
CA ASN A 227 -22.10 35.46 15.45
C ASN A 227 -23.34 34.58 15.21
N GLY A 228 -23.33 33.38 15.77
CA GLY A 228 -24.41 32.41 15.58
C GLY A 228 -24.09 31.35 14.53
N GLU A 229 -22.84 31.34 14.07
CA GLU A 229 -22.38 30.47 12.99
C GLU A 229 -21.26 29.55 13.45
N VAL A 230 -21.14 28.39 12.81
CA VAL A 230 -20.16 27.38 13.19
C VAL A 230 -18.80 27.62 12.55
N TYR A 231 -17.76 27.77 13.38
CA TYR A 231 -16.40 27.98 12.92
C TYR A 231 -15.41 27.09 13.66
N PRO A 232 -14.27 26.75 13.01
CA PRO A 232 -13.25 25.93 13.66
C PRO A 232 -12.81 26.52 15.00
N PRO A 233 -12.44 25.65 15.97
CA PRO A 233 -12.11 26.11 17.32
C PRO A 233 -10.82 26.93 17.37
N SER A 234 -10.61 27.63 18.48
CA SER A 234 -9.36 28.34 18.71
C SER A 234 -8.26 27.35 19.09
N VAL A 235 -7.01 27.73 18.86
CA VAL A 235 -5.86 26.92 19.28
C VAL A 235 -5.86 26.70 20.80
N GLU A 236 -6.43 27.68 21.52
CA GLU A 236 -6.58 27.62 22.98
C GLU A 236 -7.37 26.39 23.42
N GLU A 237 -8.34 25.97 22.61
CA GLU A 237 -9.18 24.81 22.93
C GLU A 237 -8.67 23.52 22.28
N ALA A 238 -8.11 23.64 21.08
CA ALA A 238 -7.51 22.49 20.39
C ALA A 238 -6.02 22.74 20.10
N PRO A 239 -5.16 22.51 21.11
CA PRO A 239 -3.73 22.84 21.01
C PRO A 239 -3.00 22.06 19.91
N VAL A 240 -2.95 22.64 18.71
CA VAL A 240 -2.19 22.06 17.60
C VAL A 240 -1.30 23.13 16.97
N LEU A 241 -0.15 22.70 16.46
CA LEU A 241 0.76 23.58 15.75
C LEU A 241 0.09 24.19 14.52
N MET A 242 -0.14 25.50 14.57
CA MET A 242 -0.65 26.26 13.42
C MET A 242 0.36 27.33 13.02
N HIS A 243 0.63 27.44 11.72
CA HIS A 243 1.56 28.46 11.22
C HIS A 243 0.87 29.82 11.08
N TYR A 244 1.00 30.63 12.12
CA TYR A 244 0.49 32.01 12.12
C TYR A 244 1.65 32.98 12.33
N PRO A 245 1.52 34.24 11.85
CA PRO A 245 2.58 35.24 12.00
C PRO A 245 3.01 35.42 13.45
N ARG A 246 4.31 35.61 13.67
CA ARG A 246 4.86 35.78 15.00
C ARG A 246 4.25 36.99 15.68
N GLY A 247 3.50 36.74 16.76
CA GLY A 247 2.79 37.78 17.47
C GLY A 247 1.29 37.54 17.58
N ILE A 248 0.77 36.73 16.67
CA ILE A 248 -0.64 36.32 16.73
C ILE A 248 -0.78 35.24 17.81
N PRO A 249 -1.55 35.55 18.88
CA PRO A 249 -1.71 34.68 20.05
C PRO A 249 -2.71 33.55 19.82
N PRO A 250 -2.62 32.46 20.61
CA PRO A 250 -3.43 31.24 20.41
C PRO A 250 -4.95 31.45 20.35
N GLN A 251 -5.46 32.39 21.15
CA GLN A 251 -6.91 32.68 21.17
C GLN A 251 -7.36 33.36 19.89
N SER A 252 -6.43 34.05 19.22
CA SER A 252 -6.71 34.74 17.97
C SER A 252 -6.59 33.82 16.76
N GLN A 253 -6.00 32.63 16.96
CA GLN A 253 -5.75 31.72 15.83
C GLN A 253 -6.61 30.44 15.84
N MET A 254 -7.09 30.06 14.66
CA MET A 254 -7.98 28.91 14.51
C MET A 254 -7.24 27.60 14.18
N ALA A 255 -7.76 26.49 14.69
CA ALA A 255 -7.12 25.19 14.54
C ALA A 255 -7.83 24.30 13.52
N VAL A 256 -7.08 23.84 12.52
CA VAL A 256 -7.61 22.92 11.52
C VAL A 256 -6.58 21.82 11.21
N GLY A 257 -6.88 20.98 10.22
CA GLY A 257 -6.03 19.83 9.89
C GLY A 257 -4.70 20.18 9.26
N GLN A 258 -4.68 21.24 8.45
CA GLN A 258 -3.46 21.66 7.76
C GLN A 258 -2.90 22.89 8.45
N GLU A 259 -1.59 22.88 8.70
CA GLU A 259 -0.94 23.89 9.53
C GLU A 259 -0.90 25.31 8.91
N VAL A 260 -1.07 25.40 7.60
CA VAL A 260 -0.88 26.67 6.90
C VAL A 260 -2.16 27.40 6.47
N PHE A 261 -3.31 26.83 6.80
CA PHE A 261 -4.60 27.37 6.33
C PHE A 261 -5.00 28.71 6.95
N GLY A 262 -4.39 29.07 8.07
CA GLY A 262 -4.65 30.36 8.72
C GLY A 262 -4.18 31.56 7.92
N LEU A 263 -3.25 31.32 7.01
CA LEU A 263 -2.59 32.39 6.25
C LEU A 263 -3.48 33.05 5.20
N LEU A 264 -4.54 32.35 4.78
CA LEU A 264 -5.48 32.87 3.77
C LEU A 264 -6.94 32.59 4.13
N PRO A 265 -7.80 33.62 4.05
CA PRO A 265 -9.23 33.48 4.34
C PRO A 265 -9.93 32.46 3.44
N GLY A 266 -9.56 32.43 2.16
CA GLY A 266 -10.10 31.45 1.21
C GLY A 266 -9.83 30.02 1.62
N LEU A 267 -8.64 29.78 2.17
CA LEU A 267 -8.24 28.47 2.67
C LEU A 267 -9.01 28.12 3.93
N MET A 268 -9.19 29.11 4.80
CA MET A 268 -9.93 28.92 6.05
C MET A 268 -11.44 28.84 5.81
N LEU A 269 -11.89 29.41 4.70
CA LEU A 269 -13.27 29.28 4.26
C LEU A 269 -13.66 27.81 4.09
N TYR A 270 -12.86 27.06 3.33
CA TYR A 270 -13.14 25.65 3.04
C TYR A 270 -12.94 24.76 4.26
N ALA A 271 -12.05 25.17 5.16
CA ALA A 271 -11.87 24.49 6.43
C ALA A 271 -13.17 24.50 7.24
N THR A 272 -13.89 25.62 7.17
CA THR A 272 -15.18 25.79 7.83
C THR A 272 -16.25 24.91 7.19
N ILE A 273 -16.39 25.03 5.87
CA ILE A 273 -17.39 24.29 5.11
C ILE A 273 -17.28 22.77 5.34
N TRP A 274 -16.07 22.24 5.24
CA TRP A 274 -15.81 20.82 5.41
C TRP A 274 -15.99 20.34 6.86
N LEU A 275 -15.72 21.22 7.81
CA LEU A 275 -15.98 20.94 9.23
C LEU A 275 -17.48 20.87 9.52
N ARG A 276 -18.25 21.83 8.98
CA ARG A 276 -19.71 21.82 9.12
C ARG A 276 -20.29 20.54 8.55
N GLU A 277 -19.82 20.15 7.36
CA GLU A 277 -20.25 18.91 6.70
C GLU A 277 -19.98 17.70 7.57
N HIS A 278 -18.74 17.58 8.07
CA HIS A 278 -18.38 16.45 8.92
C HIS A 278 -19.37 16.29 10.07
N ASN A 279 -19.57 17.36 10.85
CA ASN A 279 -20.52 17.35 11.95
C ASN A 279 -21.97 17.15 11.50
N ARG A 280 -22.31 17.66 10.32
CA ARG A 280 -23.63 17.46 9.73
C ARG A 280 -23.89 15.98 9.40
N VAL A 281 -22.85 15.31 8.88
CA VAL A 281 -22.92 13.89 8.56
C VAL A 281 -23.09 13.03 9.82
N CYS A 282 -22.34 13.35 10.86
CA CYS A 282 -22.41 12.66 12.16
C CYS A 282 -23.83 12.66 12.73
N ASP A 283 -24.53 13.79 12.57
CA ASP A 283 -25.92 13.92 12.99
C ASP A 283 -26.82 12.92 12.26
N LEU A 284 -26.62 12.78 10.94
CA LEU A 284 -27.36 11.81 10.14
C LEU A 284 -27.03 10.37 10.55
N LEU A 285 -25.74 10.11 10.76
CA LEU A 285 -25.24 8.80 11.15
C LEU A 285 -25.72 8.33 12.54
N LYS A 286 -25.92 9.27 13.46
CA LYS A 286 -26.38 8.94 14.82
C LYS A 286 -27.85 8.56 14.86
N ALA A 287 -28.64 9.15 13.95
CA ALA A 287 -30.07 8.88 13.84
C ALA A 287 -30.32 7.48 13.30
N GLU A 288 -29.36 6.96 12.54
CA GLU A 288 -29.45 5.64 11.94
C GLU A 288 -28.83 4.59 12.85
N HIS A 289 -27.89 5.03 13.68
CA HIS A 289 -27.15 4.13 14.57
C HIS A 289 -26.99 4.73 15.98
N PRO A 290 -28.04 4.64 16.81
CA PRO A 290 -27.98 5.15 18.18
C PRO A 290 -26.99 4.39 19.06
N THR A 291 -26.74 3.12 18.72
CA THR A 291 -25.89 2.26 19.53
C THR A 291 -24.40 2.45 19.21
N TRP A 292 -24.11 3.26 18.20
CA TRP A 292 -22.74 3.53 17.78
C TRP A 292 -21.99 4.43 18.76
N GLY A 293 -20.75 4.07 19.02
CA GLY A 293 -19.86 4.88 19.84
C GLY A 293 -19.31 6.05 19.05
N ASP A 294 -18.48 6.86 19.72
CA ASP A 294 -17.84 8.02 19.12
C ASP A 294 -16.95 7.62 17.94
N GLU A 295 -16.06 6.66 18.18
CA GLU A 295 -15.04 6.29 17.20
C GLU A 295 -15.65 5.90 15.85
N GLN A 296 -16.60 4.97 15.87
CA GLN A 296 -17.26 4.52 14.63
C GLN A 296 -17.97 5.65 13.88
N LEU A 297 -18.59 6.57 14.62
CA LEU A 297 -19.23 7.74 14.00
C LEU A 297 -18.23 8.62 13.26
N PHE A 298 -17.09 8.90 13.91
CA PHE A 298 -16.04 9.72 13.29
C PHE A 298 -15.44 9.05 12.05
N GLN A 299 -15.11 7.77 12.17
CA GLN A 299 -14.44 7.06 11.09
C GLN A 299 -15.34 6.94 9.86
N THR A 300 -16.63 6.72 10.08
CA THR A 300 -17.60 6.60 8.99
C THR A 300 -17.84 7.96 8.31
N ALA A 301 -17.93 9.01 9.13
CA ALA A 301 -18.08 10.36 8.61
C ALA A 301 -16.89 10.73 7.73
N ARG A 302 -15.70 10.25 8.09
CA ARG A 302 -14.49 10.49 7.31
C ARG A 302 -14.57 9.85 5.91
N LEU A 303 -15.09 8.63 5.85
CA LEU A 303 -15.21 7.91 4.58
C LEU A 303 -16.23 8.56 3.63
N ILE A 304 -17.37 8.96 4.19
CA ILE A 304 -18.41 9.69 3.45
C ILE A 304 -17.87 11.00 2.90
N LEU A 305 -17.07 11.70 3.71
CA LEU A 305 -16.47 12.95 3.26
C LEU A 305 -15.42 12.72 2.17
N ILE A 306 -14.63 11.66 2.31
CA ILE A 306 -13.68 11.28 1.26
C ILE A 306 -14.47 10.97 0.00
N GLY A 307 -15.58 10.24 0.16
CA GLY A 307 -16.48 9.95 -0.94
C GLY A 307 -16.97 11.19 -1.65
N GLU A 308 -17.50 12.14 -0.87
CA GLU A 308 -18.01 13.39 -1.42
C GLU A 308 -16.93 14.21 -2.14
N THR A 309 -15.74 14.26 -1.55
CA THR A 309 -14.61 14.97 -2.16
C THR A 309 -14.30 14.44 -3.55
N ILE A 310 -14.24 13.11 -3.69
CA ILE A 310 -13.90 12.49 -4.98
C ILE A 310 -15.02 12.69 -6.00
N LYS A 311 -16.27 12.55 -5.57
CA LYS A 311 -17.43 12.81 -6.42
C LYS A 311 -17.39 14.22 -7.02
N ILE A 312 -17.22 15.23 -6.16
CA ILE A 312 -17.21 16.63 -6.58
C ILE A 312 -16.04 16.93 -7.51
N VAL A 313 -14.84 16.54 -7.10
CA VAL A 313 -13.61 16.77 -7.87
C VAL A 313 -13.71 16.21 -9.29
N ILE A 314 -14.18 14.98 -9.42
CA ILE A 314 -14.31 14.34 -10.73
C ILE A 314 -15.43 14.96 -11.57
N GLU A 315 -16.58 15.20 -10.98
CA GLU A 315 -17.77 15.57 -11.76
C GLU A 315 -17.99 17.08 -11.91
N GLU A 316 -17.24 17.87 -11.17
CA GLU A 316 -17.38 19.33 -11.25
C GLU A 316 -16.05 20.05 -11.44
N TYR A 317 -15.07 19.70 -10.60
CA TYR A 317 -13.74 20.31 -10.60
C TYR A 317 -12.99 20.00 -11.88
N VAL A 318 -12.86 18.71 -12.21
CA VAL A 318 -12.21 18.30 -13.45
C VAL A 318 -13.04 18.72 -14.67
N GLN A 319 -14.36 18.74 -14.51
CA GLN A 319 -15.26 19.14 -15.60
C GLN A 319 -14.97 20.57 -16.07
N GLN A 320 -14.95 21.52 -15.13
CA GLN A 320 -14.69 22.94 -15.44
C GLN A 320 -13.30 23.14 -16.03
N LEU A 321 -12.34 22.41 -15.48
CA LEU A 321 -10.95 22.46 -15.90
C LEU A 321 -10.75 21.91 -17.31
N SER A 322 -11.33 20.74 -17.58
CA SER A 322 -11.18 20.08 -18.87
C SER A 322 -11.97 20.78 -19.97
N GLY A 323 -13.16 21.28 -19.60
CA GLY A 323 -14.08 21.91 -20.55
C GLY A 323 -14.64 20.93 -21.55
N TYR A 324 -14.69 19.66 -21.18
CA TYR A 324 -15.20 18.61 -22.08
C TYR A 324 -16.71 18.66 -22.17
N PHE A 325 -17.24 18.21 -23.31
CA PHE A 325 -18.67 18.11 -23.51
C PHE A 325 -19.16 16.75 -23.05
N LEU A 326 -18.22 15.87 -22.71
CA LEU A 326 -18.54 14.58 -22.11
C LEU A 326 -18.83 14.78 -20.62
N GLN A 327 -20.01 14.33 -20.21
CA GLN A 327 -20.44 14.39 -18.82
C GLN A 327 -19.61 13.40 -17.98
N LEU A 328 -18.55 13.89 -17.34
CA LEU A 328 -17.67 13.05 -16.54
C LEU A 328 -18.43 12.45 -15.37
N LYS A 329 -18.04 11.23 -14.96
CA LYS A 329 -18.81 10.47 -13.98
C LYS A 329 -17.93 9.78 -12.94
N PHE A 330 -18.36 9.87 -11.68
CA PHE A 330 -17.70 9.12 -10.60
C PHE A 330 -18.48 7.85 -10.26
N ASP A 331 -17.91 6.72 -10.66
CA ASP A 331 -18.49 5.42 -10.42
C ASP A 331 -17.36 4.39 -10.38
N PRO A 332 -16.91 4.01 -9.18
CA PRO A 332 -15.79 3.07 -9.06
C PRO A 332 -16.04 1.73 -9.73
N GLU A 333 -17.30 1.39 -9.97
CA GLU A 333 -17.67 0.13 -10.60
C GLU A 333 -17.15 0.00 -12.04
N LEU A 334 -16.83 1.13 -12.67
CA LEU A 334 -16.26 1.16 -14.02
C LEU A 334 -14.94 0.41 -14.08
N LEU A 335 -14.20 0.44 -12.97
CA LEU A 335 -12.89 -0.18 -12.91
C LEU A 335 -12.91 -1.61 -12.34
N PHE A 336 -14.08 -2.12 -11.96
CA PHE A 336 -14.16 -3.44 -11.32
C PHE A 336 -13.89 -4.59 -12.29
N GLY A 337 -13.69 -4.27 -13.57
CA GLY A 337 -13.44 -5.28 -14.60
C GLY A 337 -12.03 -5.27 -15.17
N ALA A 338 -11.22 -4.29 -14.76
CA ALA A 338 -9.88 -4.16 -15.31
C ALA A 338 -8.79 -4.22 -14.23
N GLN A 339 -7.55 -4.33 -14.67
CA GLN A 339 -6.40 -4.41 -13.77
C GLN A 339 -6.02 -3.04 -13.25
N PHE A 340 -6.32 -2.81 -11.98
CA PHE A 340 -6.16 -1.49 -11.38
C PHE A 340 -5.77 -1.60 -9.92
N GLN A 341 -4.62 -1.02 -9.59
CA GLN A 341 -4.09 -1.04 -8.23
C GLN A 341 -4.65 0.14 -7.46
N TYR A 342 -5.40 -0.15 -6.39
CA TYR A 342 -5.91 0.87 -5.49
C TYR A 342 -4.83 1.30 -4.50
N ARG A 343 -3.81 1.94 -5.03
CA ARG A 343 -2.66 2.41 -4.27
C ARG A 343 -2.15 3.67 -4.96
N ASN A 344 -1.66 4.64 -4.19
CA ASN A 344 -1.12 5.86 -4.76
C ASN A 344 0.08 6.43 -4.02
N ARG A 345 1.03 6.94 -4.80
CA ARG A 345 2.22 7.61 -4.30
C ARG A 345 2.37 8.92 -5.08
N ILE A 346 2.43 10.02 -4.33
CA ILE A 346 2.51 11.36 -4.93
C ILE A 346 3.89 11.61 -5.55
N ALA A 347 3.90 12.13 -6.77
CA ALA A 347 5.13 12.38 -7.50
C ALA A 347 5.56 13.83 -7.41
N MET A 348 6.88 14.04 -7.38
CA MET A 348 7.46 15.39 -7.35
C MET A 348 7.04 16.24 -8.55
N GLU A 349 6.79 15.58 -9.69
CA GLU A 349 6.36 16.26 -10.90
C GLU A 349 4.92 16.76 -10.79
N PHE A 350 4.06 15.99 -10.12
CA PHE A 350 2.69 16.41 -9.86
C PHE A 350 2.69 17.63 -8.95
N ASN A 351 3.57 17.61 -7.95
CA ASN A 351 3.82 18.76 -7.10
C ASN A 351 4.18 19.96 -7.93
N GLN A 352 5.23 19.84 -8.75
CA GLN A 352 5.76 20.91 -9.60
C GLN A 352 4.71 21.49 -10.54
N LEU A 353 3.91 20.62 -11.13
CA LEU A 353 2.93 20.99 -12.14
C LEU A 353 1.70 21.70 -11.55
N TYR A 354 1.44 21.49 -10.27
CA TYR A 354 0.22 22.01 -9.66
C TYR A 354 0.38 23.41 -9.09
N HIS A 355 1.55 24.01 -9.30
CA HIS A 355 1.80 25.38 -8.84
C HIS A 355 1.04 26.37 -9.72
N TRP A 356 -0.27 26.46 -9.47
CA TRP A 356 -1.21 27.18 -10.32
C TRP A 356 -1.45 28.60 -9.83
N HIS A 357 -0.36 29.29 -9.50
CA HIS A 357 -0.41 30.64 -8.96
C HIS A 357 -0.93 31.73 -9.92
N PRO A 358 -0.91 31.46 -11.26
CA PRO A 358 -1.50 32.44 -12.18
C PRO A 358 -2.99 32.67 -11.94
N LEU A 359 -3.65 31.70 -11.30
CA LEU A 359 -5.09 31.79 -11.01
C LEU A 359 -5.42 33.00 -10.16
N MET A 360 -4.49 33.41 -9.32
CA MET A 360 -4.72 34.47 -8.34
C MET A 360 -4.75 35.87 -8.97
N PRO A 361 -5.80 36.66 -8.64
CA PRO A 361 -6.10 37.95 -9.24
C PRO A 361 -5.14 39.06 -8.85
N ASP A 362 -5.38 40.25 -9.39
CA ASP A 362 -4.67 41.47 -9.00
C ASP A 362 -5.05 41.87 -7.58
N SER A 363 -6.33 41.73 -7.25
CA SER A 363 -6.87 42.03 -5.92
C SER A 363 -8.18 41.26 -5.72
N PHE A 364 -8.66 41.20 -4.48
CA PHE A 364 -9.82 40.37 -4.14
C PHE A 364 -11.07 41.21 -3.85
N ARG A 365 -12.11 40.97 -4.65
CA ARG A 365 -13.35 41.73 -4.56
C ARG A 365 -14.43 40.99 -3.76
N VAL A 366 -14.90 41.62 -2.69
CA VAL A 366 -15.95 41.04 -1.84
C VAL A 366 -17.17 41.98 -1.82
N GLY A 367 -18.00 41.86 -2.85
CA GLY A 367 -19.11 42.78 -3.05
C GLY A 367 -18.56 44.13 -3.49
N PRO A 368 -18.93 45.21 -2.77
CA PRO A 368 -18.46 46.56 -3.08
C PRO A 368 -17.03 46.84 -2.61
N GLN A 369 -16.41 45.87 -1.92
CA GLN A 369 -15.07 46.07 -1.38
C GLN A 369 -13.97 45.45 -2.25
N ASP A 370 -12.87 46.18 -2.39
CA ASP A 370 -11.71 45.70 -3.13
C ASP A 370 -10.50 45.60 -2.20
N TYR A 371 -10.20 44.37 -1.77
CA TYR A 371 -9.09 44.11 -0.87
C TYR A 371 -7.82 43.76 -1.62
N SER A 372 -6.75 44.46 -1.30
CA SER A 372 -5.43 44.17 -1.86
C SER A 372 -4.84 42.93 -1.18
N TYR A 373 -3.72 42.44 -1.71
CA TYR A 373 -3.00 41.31 -1.14
C TYR A 373 -2.63 41.53 0.32
N GLU A 374 -2.18 42.74 0.64
CA GLU A 374 -1.76 43.09 2.00
C GLU A 374 -2.91 43.15 3.00
N GLN A 375 -4.12 43.40 2.49
CA GLN A 375 -5.33 43.36 3.32
C GLN A 375 -5.87 41.94 3.46
N PHE A 376 -5.67 41.15 2.41
CA PHE A 376 -6.22 39.79 2.32
C PHE A 376 -5.34 38.76 3.00
N LEU A 377 -4.06 38.76 2.63
CA LEU A 377 -3.06 37.87 3.23
C LEU A 377 -2.99 38.02 4.74
N PHE A 378 -3.11 36.89 5.43
CA PHE A 378 -3.10 36.81 6.90
C PHE A 378 -4.24 37.56 7.59
N ASN A 379 -5.36 37.82 6.90
CA ASN A 379 -6.50 38.42 7.59
C ASN A 379 -7.16 37.42 8.53
N THR A 380 -7.33 37.83 9.78
CA THR A 380 -7.87 36.98 10.83
C THR A 380 -9.38 37.15 11.02
N SER A 381 -9.89 38.31 10.64
CA SER A 381 -11.30 38.65 10.89
C SER A 381 -12.20 38.57 9.65
N MET A 382 -11.61 38.62 8.46
CA MET A 382 -12.38 38.68 7.20
C MET A 382 -13.42 37.56 7.07
N LEU A 383 -13.05 36.34 7.45
CA LEU A 383 -13.95 35.20 7.38
C LEU A 383 -15.16 35.38 8.29
N VAL A 384 -14.90 35.77 9.54
CA VAL A 384 -15.95 35.93 10.55
C VAL A 384 -16.77 37.21 10.31
N ASP A 385 -16.11 38.24 9.80
CA ASP A 385 -16.78 39.50 9.46
C ASP A 385 -17.85 39.30 8.41
N TYR A 386 -17.53 38.50 7.38
CA TYR A 386 -18.44 38.30 6.26
C TYR A 386 -19.31 37.04 6.40
N GLY A 387 -18.72 35.95 6.89
CA GLY A 387 -19.41 34.67 6.94
C GLY A 387 -19.16 33.84 5.69
N VAL A 388 -19.62 32.59 5.72
CA VAL A 388 -19.43 31.65 4.62
C VAL A 388 -20.21 32.10 3.37
N GLU A 389 -21.53 32.28 3.53
CA GLU A 389 -22.42 32.71 2.44
C GLU A 389 -21.78 33.80 1.61
N ALA A 390 -21.39 34.89 2.27
CA ALA A 390 -20.94 36.11 1.60
C ALA A 390 -19.64 35.93 0.81
N LEU A 391 -18.76 35.07 1.30
CA LEU A 391 -17.46 34.85 0.67
C LEU A 391 -17.51 33.79 -0.43
N VAL A 392 -18.48 32.89 -0.34
CA VAL A 392 -18.73 31.92 -1.40
C VAL A 392 -19.27 32.67 -2.61
N ASP A 393 -20.20 33.59 -2.35
CA ASP A 393 -20.75 34.45 -3.39
C ASP A 393 -19.65 35.29 -4.03
N ALA A 394 -18.74 35.81 -3.20
CA ALA A 394 -17.66 36.69 -3.64
C ALA A 394 -16.63 36.00 -4.55
N PHE A 395 -16.16 34.83 -4.12
CA PHE A 395 -15.14 34.09 -4.88
C PHE A 395 -15.72 33.44 -6.12
N SER A 396 -17.02 33.16 -6.09
CA SER A 396 -17.70 32.51 -7.21
C SER A 396 -18.01 33.48 -8.34
N ARG A 397 -17.96 34.78 -8.04
CA ARG A 397 -18.25 35.82 -9.02
C ARG A 397 -16.99 36.44 -9.64
N GLN A 398 -15.84 36.24 -8.99
CA GLN A 398 -14.59 36.84 -9.46
C GLN A 398 -13.79 35.88 -10.35
N PRO A 399 -13.42 36.35 -11.55
CA PRO A 399 -12.65 35.53 -12.49
C PRO A 399 -11.26 35.19 -11.98
N ALA A 400 -10.76 34.02 -12.35
CA ALA A 400 -9.41 33.61 -12.02
C ALA A 400 -8.50 33.80 -13.24
N GLY A 401 -7.20 33.84 -13.00
CA GLY A 401 -6.22 34.00 -14.07
C GLY A 401 -6.05 32.76 -14.93
N ARG A 402 -5.79 32.99 -16.22
CA ARG A 402 -5.43 31.92 -17.15
C ARG A 402 -4.08 31.34 -16.72
N ILE A 403 -4.02 30.03 -16.51
CA ILE A 403 -2.83 29.39 -15.95
C ILE A 403 -1.65 29.35 -16.93
N GLY A 404 -1.89 28.86 -18.14
CA GLY A 404 -0.84 28.78 -19.15
C GLY A 404 -0.72 30.04 -19.96
N GLY A 405 0.15 30.00 -20.98
CA GLY A 405 0.30 31.12 -21.92
C GLY A 405 1.42 32.09 -21.59
N GLY A 406 1.66 32.31 -20.29
CA GLY A 406 2.73 33.18 -19.83
C GLY A 406 2.26 34.50 -19.23
N ARG A 407 3.18 35.18 -18.54
CA ARG A 407 2.97 36.53 -18.01
C ARG A 407 1.64 36.72 -17.26
N ASN A 408 1.37 35.85 -16.30
CA ASN A 408 0.12 35.92 -15.54
C ASN A 408 0.23 35.55 -14.07
N ILE A 409 1.42 35.74 -13.48
CA ILE A 409 1.57 35.59 -12.04
C ILE A 409 1.76 36.96 -11.41
N ASP A 410 0.86 37.31 -10.49
CA ASP A 410 0.95 38.56 -9.75
C ASP A 410 2.29 38.66 -9.01
N HIS A 411 2.86 39.85 -8.98
CA HIS A 411 4.19 40.08 -8.42
C HIS A 411 4.33 39.67 -6.96
N HIS A 412 3.22 39.73 -6.22
CA HIS A 412 3.21 39.36 -4.80
C HIS A 412 3.68 37.93 -4.57
N ILE A 413 3.25 37.01 -5.43
CA ILE A 413 3.57 35.59 -5.27
C ILE A 413 4.53 35.03 -6.33
N LEU A 414 5.20 35.91 -7.07
CA LEU A 414 6.15 35.47 -8.09
C LEU A 414 7.36 34.72 -7.53
N HIS A 415 7.71 35.02 -6.28
CA HIS A 415 8.84 34.36 -5.59
C HIS A 415 8.63 32.84 -5.44
N VAL A 416 7.36 32.41 -5.42
CA VAL A 416 7.02 31.00 -5.39
C VAL A 416 7.53 30.32 -6.66
N ALA A 417 7.20 30.92 -7.81
CA ALA A 417 7.55 30.38 -9.12
C ALA A 417 9.06 30.29 -9.28
N VAL A 418 9.76 31.25 -8.69
CA VAL A 418 11.23 31.27 -8.68
C VAL A 418 11.74 30.03 -7.97
N ASP A 419 11.22 29.77 -6.78
CA ASP A 419 11.68 28.66 -5.96
C ASP A 419 11.38 27.28 -6.54
N VAL A 420 10.23 27.16 -7.21
CA VAL A 420 9.87 25.95 -7.96
C VAL A 420 10.95 25.56 -8.96
N ILE A 421 11.44 26.54 -9.72
CA ILE A 421 12.50 26.31 -10.71
C ILE A 421 13.81 25.91 -10.01
N LYS A 422 14.14 26.61 -8.93
CA LYS A 422 15.34 26.31 -8.15
C LYS A 422 15.26 24.92 -7.53
N GLU A 423 14.06 24.52 -7.13
CA GLU A 423 13.82 23.23 -6.50
C GLU A 423 13.95 22.12 -7.54
N SER A 424 13.34 22.35 -8.70
CA SER A 424 13.44 21.47 -9.87
C SER A 424 14.88 21.07 -10.16
N ARG A 425 15.78 22.06 -10.10
CA ARG A 425 17.21 21.86 -10.38
C ARG A 425 17.91 21.03 -9.31
N VAL A 426 17.51 21.22 -8.06
CA VAL A 426 17.99 20.38 -6.96
C VAL A 426 17.47 18.96 -7.14
N LEU A 427 16.17 18.85 -7.44
CA LEU A 427 15.52 17.58 -7.77
C LEU A 427 16.08 16.92 -9.03
N ARG A 428 16.87 17.69 -9.79
CA ARG A 428 17.50 17.22 -11.03
C ARG A 428 16.50 16.63 -12.01
N LEU A 429 15.36 17.31 -12.12
CA LEU A 429 14.23 16.91 -12.96
C LEU A 429 14.63 16.95 -14.44
N GLN A 430 14.27 15.90 -15.18
CA GLN A 430 14.63 15.79 -16.60
C GLN A 430 14.05 16.92 -17.46
N PRO A 431 14.59 17.12 -18.68
CA PRO A 431 14.04 18.13 -19.59
C PRO A 431 12.54 17.99 -19.86
N PHE A 432 11.92 19.08 -20.30
CA PHE A 432 10.50 19.12 -20.63
C PHE A 432 10.15 18.11 -21.73
N ASN A 433 10.94 18.10 -22.80
CA ASN A 433 10.77 17.15 -23.91
C ASN A 433 10.90 15.68 -23.54
N GLU A 434 11.72 15.39 -22.52
CA GLU A 434 11.82 14.03 -22.00
C GLU A 434 10.51 13.63 -21.35
N TYR A 435 9.85 14.59 -20.70
CA TYR A 435 8.54 14.38 -20.10
C TYR A 435 7.42 14.37 -21.14
N ARG A 436 7.65 15.03 -22.26
CA ARG A 436 6.70 14.96 -23.37
C ARG A 436 6.58 13.51 -23.84
N LYS A 437 7.71 12.89 -24.14
CA LYS A 437 7.76 11.51 -24.61
C LYS A 437 7.13 10.51 -23.62
N ARG A 438 7.38 10.70 -22.33
CA ARG A 438 6.86 9.82 -21.28
C ARG A 438 5.34 9.89 -21.13
N PHE A 439 4.73 10.99 -21.53
CA PHE A 439 3.27 11.09 -21.51
C PHE A 439 2.66 11.05 -22.91
N GLY A 440 3.32 10.30 -23.80
CA GLY A 440 2.77 9.94 -25.11
C GLY A 440 2.72 11.05 -26.13
N MET A 441 3.45 12.14 -25.89
CA MET A 441 3.50 13.25 -26.82
C MET A 441 4.82 13.30 -27.55
N LYS A 442 4.81 13.94 -28.72
CA LYS A 442 6.04 14.17 -29.47
C LYS A 442 6.77 15.37 -28.88
N PRO A 443 8.12 15.32 -28.86
CA PRO A 443 8.90 16.44 -28.36
C PRO A 443 8.80 17.66 -29.27
N TYR A 444 8.89 18.84 -28.68
CA TYR A 444 8.92 20.08 -29.46
C TYR A 444 10.28 20.23 -30.14
N THR A 445 10.25 20.62 -31.41
CA THR A 445 11.48 20.76 -32.20
C THR A 445 12.04 22.18 -32.15
N SER A 446 11.26 23.11 -31.62
CA SER A 446 11.69 24.51 -31.50
C SER A 446 10.92 25.22 -30.39
N PHE A 447 11.42 26.39 -29.98
CA PHE A 447 10.72 27.23 -29.01
C PHE A 447 9.49 27.91 -29.62
N GLN A 448 9.53 28.13 -30.93
CA GLN A 448 8.40 28.68 -31.67
C GLN A 448 7.21 27.73 -31.66
N GLU A 449 7.48 26.46 -31.88
CA GLU A 449 6.44 25.43 -31.88
C GLU A 449 5.81 25.27 -30.48
N LEU A 450 6.59 25.58 -29.44
CA LEU A 450 6.08 25.52 -28.06
C LEU A 450 5.12 26.65 -27.75
N THR A 451 5.56 27.88 -28.00
CA THR A 451 4.83 29.09 -27.59
C THR A 451 3.73 29.48 -28.57
N GLY A 452 3.96 29.23 -29.86
CA GLY A 452 3.04 29.63 -30.91
C GLY A 452 3.18 31.10 -31.28
N GLU A 453 4.34 31.67 -30.96
CA GLU A 453 4.68 33.06 -31.31
C GLU A 453 6.18 33.21 -31.56
N LYS A 454 6.62 34.44 -31.84
CA LYS A 454 7.99 34.68 -32.30
C LYS A 454 8.91 35.31 -31.25
N GLU A 455 8.42 36.36 -30.58
CA GLU A 455 9.24 37.14 -29.63
C GLU A 455 9.73 36.33 -28.42
N MET A 456 8.82 35.88 -27.56
CA MET A 456 9.17 35.08 -26.37
C MET A 456 10.05 33.87 -26.70
N ALA A 457 9.76 33.25 -27.85
CA ALA A 457 10.48 32.07 -28.32
C ALA A 457 11.94 32.36 -28.66
N ALA A 458 12.18 33.49 -29.33
CA ALA A 458 13.53 33.90 -29.70
C ALA A 458 14.40 34.15 -28.47
N GLU A 459 13.82 34.81 -27.46
CA GLU A 459 14.55 35.13 -26.23
C GLU A 459 14.90 33.86 -25.43
N LEU A 460 13.97 32.90 -25.42
CA LEU A 460 14.17 31.61 -24.75
C LEU A 460 15.26 30.77 -25.42
N GLU A 461 15.31 30.83 -26.75
CA GLU A 461 16.30 30.11 -27.53
C GLU A 461 17.71 30.60 -27.19
N GLU A 462 17.84 31.91 -27.02
CA GLU A 462 19.08 32.56 -26.63
C GLU A 462 19.54 32.15 -25.23
N LEU A 463 18.59 32.09 -24.29
CA LEU A 463 18.88 31.72 -22.90
C LEU A 463 19.23 30.23 -22.74
N TYR A 464 18.39 29.37 -23.32
CA TYR A 464 18.54 27.93 -23.16
C TYR A 464 19.51 27.27 -24.15
N GLY A 465 19.61 27.84 -25.36
CA GLY A 465 20.51 27.30 -26.38
C GLY A 465 19.89 26.20 -27.25
N ASP A 466 19.09 25.33 -26.62
CA ASP A 466 18.39 24.26 -27.30
C ASP A 466 17.03 24.01 -26.65
N ILE A 467 16.07 23.55 -27.43
CA ILE A 467 14.72 23.22 -26.93
C ILE A 467 14.75 22.01 -25.98
N ASP A 468 15.71 21.11 -26.20
CA ASP A 468 15.84 19.90 -25.39
C ASP A 468 16.48 20.16 -24.03
N ALA A 469 16.76 21.43 -23.73
CA ALA A 469 17.32 21.84 -22.44
C ALA A 469 16.28 22.59 -21.60
N LEU A 470 15.15 22.93 -22.23
CA LEU A 470 14.03 23.58 -21.56
C LEU A 470 13.51 22.75 -20.39
N GLU A 471 13.23 23.43 -19.28
CA GLU A 471 12.84 22.78 -18.03
C GLU A 471 11.36 22.46 -17.94
N PHE A 472 11.01 21.66 -16.94
CA PHE A 472 9.66 21.12 -16.74
C PHE A 472 8.62 22.22 -16.50
N TYR A 473 8.76 22.95 -15.39
CA TYR A 473 7.76 23.94 -15.00
C TYR A 473 7.66 25.12 -15.98
N PRO A 474 8.78 25.81 -16.26
CA PRO A 474 8.70 26.86 -17.29
C PRO A 474 8.06 26.34 -18.58
N GLY A 475 8.40 25.11 -18.96
CA GLY A 475 7.85 24.50 -20.18
C GLY A 475 6.33 24.45 -20.12
N LEU A 476 5.81 23.89 -19.04
CA LEU A 476 4.37 23.73 -18.83
C LEU A 476 3.61 25.05 -18.86
N LEU A 477 4.26 26.11 -18.40
CA LEU A 477 3.60 27.41 -18.25
C LEU A 477 3.70 28.34 -19.46
N LEU A 478 4.69 28.09 -20.31
CA LEU A 478 4.94 28.96 -21.47
C LEU A 478 4.44 28.36 -22.78
N GLU A 479 3.90 27.15 -22.70
CA GLU A 479 3.32 26.47 -23.84
C GLU A 479 2.03 27.15 -24.32
N LYS A 480 1.85 27.21 -25.63
CA LYS A 480 0.61 27.67 -26.25
C LYS A 480 -0.61 26.97 -25.63
N CYS A 481 -1.59 27.76 -25.21
CA CYS A 481 -2.82 27.20 -24.65
C CYS A 481 -3.72 26.68 -25.78
N HIS A 482 -4.45 25.61 -25.50
CA HIS A 482 -5.53 25.18 -26.38
C HIS A 482 -6.44 26.38 -26.65
N PRO A 483 -6.92 26.54 -27.89
CA PRO A 483 -7.85 27.64 -28.18
C PRO A 483 -8.86 27.82 -27.05
N ASN A 484 -8.92 29.02 -26.49
CA ASN A 484 -9.88 29.39 -25.44
C ASN A 484 -9.84 28.55 -24.16
N SER A 485 -8.69 27.95 -23.89
CA SER A 485 -8.53 27.11 -22.70
C SER A 485 -7.71 27.79 -21.60
N ILE A 486 -7.63 27.12 -20.46
CA ILE A 486 -6.93 27.60 -19.27
C ILE A 486 -5.41 27.34 -19.33
N PHE A 487 -5.04 26.22 -19.94
CA PHE A 487 -3.63 25.92 -20.19
C PHE A 487 -3.44 25.09 -21.45
N GLY A 488 -2.21 24.66 -21.70
CA GLY A 488 -1.86 23.95 -22.93
C GLY A 488 -2.00 22.43 -22.89
N GLU A 489 -1.54 21.81 -23.98
CA GLU A 489 -1.61 20.38 -24.21
C GLU A 489 -0.94 19.58 -23.10
N SER A 490 0.21 20.06 -22.64
CA SER A 490 1.04 19.32 -21.71
C SER A 490 0.48 19.24 -20.29
N MET A 491 -0.18 20.30 -19.84
CA MET A 491 -0.73 20.31 -18.48
C MET A 491 -1.83 19.26 -18.34
N ILE A 492 -2.64 19.10 -19.38
CA ILE A 492 -3.69 18.08 -19.41
C ILE A 492 -3.07 16.69 -19.43
N GLU A 493 -2.24 16.46 -20.45
CA GLU A 493 -1.67 15.14 -20.75
C GLU A 493 -0.67 14.66 -19.72
N MET A 494 -0.14 15.59 -18.93
CA MET A 494 0.78 15.24 -17.84
C MET A 494 0.05 15.27 -16.51
N GLY A 495 -0.93 16.14 -16.39
CA GLY A 495 -1.68 16.30 -15.14
C GLY A 495 -2.72 15.22 -14.90
N ALA A 496 -3.46 14.86 -15.95
CA ALA A 496 -4.53 13.87 -15.86
C ALA A 496 -4.13 12.48 -15.31
N PRO A 497 -3.03 11.88 -15.82
CA PRO A 497 -2.62 10.58 -15.30
C PRO A 497 -2.36 10.56 -13.80
N PHE A 498 -1.67 11.58 -13.28
CA PHE A 498 -1.43 11.74 -11.85
C PHE A 498 -2.74 11.94 -11.10
N SER A 499 -3.56 12.85 -11.61
CA SER A 499 -4.81 13.25 -10.98
C SER A 499 -5.82 12.09 -10.82
N LEU A 500 -6.15 11.41 -11.92
CA LEU A 500 -7.16 10.36 -11.90
C LEU A 500 -6.73 9.10 -11.14
N LYS A 501 -5.44 8.83 -11.16
CA LYS A 501 -4.86 7.73 -10.38
C LYS A 501 -4.97 8.04 -8.89
N GLY A 502 -4.87 9.32 -8.56
CA GLY A 502 -5.01 9.80 -7.18
C GLY A 502 -6.42 9.67 -6.65
N LEU A 503 -7.42 9.98 -7.49
CA LEU A 503 -8.82 9.84 -7.09
C LEU A 503 -9.27 8.39 -7.02
N LEU A 504 -9.21 7.70 -8.17
CA LEU A 504 -9.68 6.33 -8.27
C LEU A 504 -8.81 5.29 -7.57
N GLY A 505 -7.54 5.64 -7.35
CA GLY A 505 -6.61 4.77 -6.63
C GLY A 505 -6.84 4.75 -5.14
N ASN A 506 -7.79 5.57 -4.68
CA ASN A 506 -8.19 5.59 -3.29
C ASN A 506 -8.88 4.27 -2.92
N PRO A 507 -8.48 3.67 -1.79
CA PRO A 507 -9.05 2.38 -1.39
C PRO A 507 -10.57 2.38 -1.26
N ILE A 508 -11.21 3.52 -0.99
CA ILE A 508 -12.69 3.53 -0.91
C ILE A 508 -13.33 3.20 -2.26
N CYS A 509 -12.56 3.36 -3.34
CA CYS A 509 -13.02 3.03 -4.69
C CYS A 509 -12.83 1.56 -5.05
N SER A 510 -12.28 0.77 -4.12
CA SER A 510 -12.02 -0.64 -4.37
C SER A 510 -13.29 -1.46 -4.19
N PRO A 511 -13.41 -2.60 -4.92
CA PRO A 511 -14.60 -3.45 -4.76
C PRO A 511 -14.79 -3.98 -3.34
N GLU A 512 -13.71 -4.04 -2.56
CA GLU A 512 -13.78 -4.41 -1.15
C GLU A 512 -14.43 -3.31 -0.30
N TYR A 513 -14.16 -2.05 -0.64
CA TYR A 513 -14.62 -0.91 0.16
C TYR A 513 -15.90 -0.27 -0.38
N TRP A 514 -16.09 -0.28 -1.69
CA TRP A 514 -17.23 0.39 -2.32
C TRP A 514 -18.56 -0.36 -2.13
N LYS A 515 -19.10 -0.25 -0.92
CA LYS A 515 -20.40 -0.83 -0.57
C LYS A 515 -21.06 0.00 0.52
N ALA A 516 -22.38 -0.19 0.71
CA ALA A 516 -23.17 0.66 1.60
C ALA A 516 -22.69 0.66 3.05
N SER A 517 -22.39 -0.52 3.58
CA SER A 517 -21.96 -0.68 4.97
C SER A 517 -20.78 0.21 5.35
N THR A 518 -19.84 0.40 4.42
CA THR A 518 -18.67 1.25 4.61
C THR A 518 -19.06 2.68 4.99
N PHE A 519 -20.25 3.10 4.58
CA PHE A 519 -20.74 4.45 4.84
C PHE A 519 -21.96 4.43 5.76
N GLY A 520 -22.03 3.40 6.60
CA GLY A 520 -23.12 3.24 7.54
C GLY A 520 -24.47 2.92 6.91
N GLY A 521 -24.44 2.44 5.67
CA GLY A 521 -25.67 2.09 4.96
C GLY A 521 -26.01 2.99 3.79
N GLU A 522 -27.29 3.02 3.43
CA GLU A 522 -27.75 3.67 2.21
C GLU A 522 -27.72 5.19 2.27
N VAL A 523 -28.03 5.75 3.44
CA VAL A 523 -28.02 7.20 3.61
C VAL A 523 -26.61 7.76 3.39
N GLY A 524 -25.61 7.12 4.00
CA GLY A 524 -24.23 7.52 3.82
C GLY A 524 -23.73 7.30 2.40
N PHE A 525 -24.18 6.23 1.77
CA PHE A 525 -23.79 5.88 0.41
C PHE A 525 -24.34 6.87 -0.60
N ASN A 526 -25.59 7.27 -0.41
CA ASN A 526 -26.23 8.25 -1.29
C ASN A 526 -25.64 9.65 -1.14
N LEU A 527 -25.17 9.98 0.05
CA LEU A 527 -24.47 11.25 0.28
C LEU A 527 -23.26 11.35 -0.63
N VAL A 528 -22.56 10.23 -0.80
CA VAL A 528 -21.42 10.19 -1.72
C VAL A 528 -21.91 10.28 -3.16
N LYS A 529 -22.86 9.43 -3.52
CA LYS A 529 -23.37 9.33 -4.89
C LYS A 529 -24.02 10.62 -5.41
N THR A 530 -24.69 11.37 -4.54
CA THR A 530 -25.38 12.61 -4.94
C THR A 530 -24.67 13.88 -4.49
N ALA A 531 -23.45 13.73 -3.94
CA ALA A 531 -22.63 14.87 -3.52
C ALA A 531 -22.48 15.91 -4.61
N THR A 532 -22.35 17.17 -4.18
CA THR A 532 -22.39 18.31 -5.09
C THR A 532 -21.73 19.51 -4.41
N LEU A 533 -21.06 20.37 -5.18
CA LEU A 533 -20.42 21.57 -4.63
C LEU A 533 -21.47 22.48 -3.98
N LYS A 534 -22.54 22.73 -4.73
CA LYS A 534 -23.67 23.54 -4.26
C LYS A 534 -24.22 23.02 -2.93
N LYS A 535 -24.41 21.71 -2.84
CA LYS A 535 -24.94 21.08 -1.64
C LYS A 535 -23.96 21.18 -0.47
N LEU A 536 -22.69 20.93 -0.75
CA LEU A 536 -21.63 21.01 0.26
C LEU A 536 -21.67 22.35 0.99
N VAL A 537 -21.86 23.43 0.24
CA VAL A 537 -22.02 24.76 0.81
C VAL A 537 -23.43 24.91 1.40
N CYS A 538 -24.44 24.85 0.53
CA CYS A 538 -25.80 25.26 0.86
C CYS A 538 -26.53 24.44 1.93
N LEU A 539 -26.15 23.17 2.10
CA LEU A 539 -26.69 22.35 3.19
C LEU A 539 -26.11 22.73 4.55
N ASN A 540 -25.05 23.52 4.53
CA ASN A 540 -24.39 23.96 5.76
C ASN A 540 -24.45 25.47 6.02
N THR A 541 -25.31 26.17 5.28
CA THR A 541 -25.49 27.62 5.44
C THR A 541 -26.96 27.98 5.61
N LYS A 542 -27.22 29.16 6.17
CA LYS A 542 -28.58 29.64 6.39
C LYS A 542 -29.27 30.00 5.07
N THR A 543 -28.52 30.61 4.16
CA THR A 543 -29.00 30.93 2.81
C THR A 543 -28.05 30.42 1.74
N CYS A 544 -28.56 30.26 0.52
CA CYS A 544 -27.75 29.86 -0.64
C CYS A 544 -27.18 31.07 -1.35
N PRO A 545 -25.83 31.15 -1.44
CA PRO A 545 -25.23 32.14 -2.33
C PRO A 545 -25.02 31.55 -3.72
N TYR A 546 -24.48 32.33 -4.65
CA TYR A 546 -24.04 31.78 -5.92
C TYR A 546 -22.83 30.89 -5.66
N VAL A 547 -22.93 29.63 -6.06
CA VAL A 547 -21.88 28.65 -5.81
C VAL A 547 -21.64 27.79 -7.05
N SER A 548 -20.39 27.81 -7.52
CA SER A 548 -20.01 27.21 -8.80
C SER A 548 -18.50 27.31 -9.00
N PHE A 549 -17.96 26.49 -9.89
CA PHE A 549 -16.55 26.58 -10.26
C PHE A 549 -16.32 27.58 -11.39
N HIS A 550 -17.39 28.19 -11.87
CA HIS A 550 -17.30 29.22 -12.90
C HIS A 550 -18.15 30.44 -12.55
N VAL A 551 -17.72 31.61 -13.03
CA VAL A 551 -18.46 32.86 -12.89
C VAL A 551 -19.84 32.75 -13.54
N PRO A 552 -20.80 33.59 -13.10
CA PRO A 552 -22.08 33.61 -13.82
C PRO A 552 -21.89 34.15 -15.23
N ASP A 553 -22.70 33.67 -16.18
CA ASP A 553 -22.60 33.98 -17.62
C ASP A 553 -21.20 34.41 -18.11
N PRO B 1 -31.82 -4.50 24.99
CA PRO B 1 -31.79 -5.55 23.98
C PRO B 1 -30.38 -6.04 23.69
N VAL B 2 -30.20 -7.36 23.59
CA VAL B 2 -28.89 -7.96 23.28
C VAL B 2 -28.48 -7.66 21.84
N ASN B 3 -27.17 -7.67 21.59
CA ASN B 3 -26.61 -7.38 20.27
C ASN B 3 -26.90 -8.52 19.28
N PRO B 4 -27.71 -8.24 18.23
CA PRO B 4 -28.10 -9.23 17.25
C PRO B 4 -26.94 -9.83 16.45
N CYS B 5 -25.90 -9.03 16.19
CA CYS B 5 -24.75 -9.48 15.41
C CYS B 5 -23.99 -10.63 16.06
N CYS B 6 -24.25 -10.87 17.35
CA CYS B 6 -23.60 -11.95 18.09
C CYS B 6 -24.10 -13.35 17.74
N TYR B 7 -25.22 -13.42 17.04
CA TYR B 7 -25.69 -14.67 16.47
C TYR B 7 -24.98 -14.95 15.14
N TYR B 8 -24.09 -14.03 14.74
CA TYR B 8 -23.45 -14.02 13.42
C TYR B 8 -24.48 -14.36 12.33
N PRO B 9 -25.55 -13.55 12.23
CA PRO B 9 -26.74 -13.95 11.49
C PRO B 9 -26.56 -13.92 9.99
N CYS B 10 -25.36 -13.60 9.51
CA CYS B 10 -25.17 -13.48 8.08
C CYS B 10 -24.05 -14.28 7.45
N GLN B 11 -24.44 -15.03 6.43
CA GLN B 11 -23.59 -16.03 5.79
C GLN B 11 -22.83 -15.47 4.59
N HIS B 12 -21.79 -16.20 4.19
CA HIS B 12 -21.07 -15.97 2.94
C HIS B 12 -20.46 -14.58 2.80
N GLN B 13 -20.01 -14.03 3.93
CA GLN B 13 -19.25 -12.77 4.00
C GLN B 13 -20.09 -11.49 3.94
N GLY B 14 -21.38 -11.60 4.29
CA GLY B 14 -22.21 -10.42 4.49
C GLY B 14 -21.83 -9.69 5.76
N ILE B 15 -21.91 -8.36 5.73
CA ILE B 15 -21.57 -7.53 6.88
C ILE B 15 -22.77 -7.21 7.78
N CYS B 16 -22.71 -7.66 9.03
CA CYS B 16 -23.73 -7.31 10.04
C CYS B 16 -23.57 -5.88 10.52
N VAL B 17 -24.61 -5.07 10.33
CA VAL B 17 -24.60 -3.71 10.84
C VAL B 17 -25.82 -3.45 11.70
N ARG B 18 -25.57 -2.97 12.91
CA ARG B 18 -26.61 -2.56 13.85
C ARG B 18 -27.33 -1.32 13.36
N PHE B 19 -28.65 -1.41 13.28
CA PHE B 19 -29.52 -0.28 12.96
C PHE B 19 -30.55 -0.12 14.06
N GLY B 20 -30.93 1.14 14.35
CA GLY B 20 -31.85 1.41 15.45
C GLY B 20 -31.30 0.91 16.77
N LEU B 21 -32.17 0.38 17.62
CA LEU B 21 -31.80 -0.06 18.95
C LEU B 21 -31.63 -1.58 19.07
N ASP B 22 -32.50 -2.32 18.37
CA ASP B 22 -32.54 -3.78 18.46
C ASP B 22 -32.54 -4.50 17.12
N ARG B 23 -32.25 -3.77 16.04
CA ARG B 23 -32.30 -4.34 14.69
C ARG B 23 -30.92 -4.47 14.07
N TYR B 24 -30.84 -5.32 13.04
CA TYR B 24 -29.63 -5.46 12.25
C TYR B 24 -30.01 -5.54 10.78
N GLN B 25 -29.04 -5.25 9.92
CA GLN B 25 -29.16 -5.47 8.50
C GLN B 25 -27.86 -6.04 7.98
N CYS B 26 -27.92 -6.67 6.81
CA CYS B 26 -26.74 -7.25 6.21
C CYS B 26 -26.50 -6.76 4.80
N ASP B 27 -25.25 -6.39 4.55
CA ASP B 27 -24.84 -5.91 3.24
C ASP B 27 -24.30 -7.07 2.41
N CYS B 28 -25.18 -7.68 1.61
CA CYS B 28 -24.84 -8.84 0.80
C CYS B 28 -24.04 -8.48 -0.47
N THR B 29 -23.66 -7.21 -0.62
CA THR B 29 -22.97 -6.72 -1.82
C THR B 29 -21.84 -7.64 -2.27
N ARG B 30 -21.98 -8.16 -3.49
CA ARG B 30 -20.96 -8.97 -4.17
C ARG B 30 -20.54 -10.25 -3.44
N THR B 31 -21.42 -10.77 -2.58
CA THR B 31 -21.19 -12.02 -1.88
C THR B 31 -21.73 -13.19 -2.70
N GLY B 32 -22.53 -12.87 -3.71
CA GLY B 32 -23.19 -13.87 -4.54
C GLY B 32 -24.56 -14.25 -4.02
N TYR B 33 -24.95 -13.64 -2.91
CA TYR B 33 -26.21 -13.98 -2.25
C TYR B 33 -27.11 -12.77 -2.03
N SER B 34 -28.40 -13.04 -1.88
CA SER B 34 -29.44 -12.04 -1.68
C SER B 34 -30.26 -12.43 -0.45
N GLY B 35 -31.25 -11.61 -0.09
CA GLY B 35 -32.09 -11.88 1.09
C GLY B 35 -31.55 -11.27 2.37
N PRO B 36 -32.37 -11.31 3.45
CA PRO B 36 -32.05 -10.68 4.74
C PRO B 36 -30.73 -11.16 5.36
N ASN B 37 -30.46 -12.47 5.28
CA ASN B 37 -29.24 -13.04 5.87
C ASN B 37 -28.15 -13.39 4.85
N CYS B 38 -28.41 -13.10 3.58
CA CYS B 38 -27.56 -13.51 2.44
C CYS B 38 -27.52 -15.03 2.28
N THR B 39 -28.69 -15.66 2.15
CA THR B 39 -28.80 -17.12 2.02
C THR B 39 -29.45 -17.60 0.71
N ILE B 40 -29.94 -16.65 -0.09
CA ILE B 40 -30.49 -16.98 -1.40
C ILE B 40 -29.42 -16.76 -2.46
N PRO B 41 -28.99 -17.84 -3.16
CA PRO B 41 -27.88 -17.72 -4.11
C PRO B 41 -28.32 -17.19 -5.47
N GLU B 42 -27.43 -16.44 -6.12
CA GLU B 42 -27.64 -15.99 -7.49
C GLU B 42 -27.39 -17.16 -8.43
N ILE B 43 -27.86 -17.04 -9.68
CA ILE B 43 -27.81 -18.16 -10.62
C ILE B 43 -26.40 -18.72 -10.87
N TRP B 44 -25.39 -17.86 -10.85
CA TRP B 44 -24.00 -18.31 -11.02
C TRP B 44 -23.47 -18.98 -9.76
N THR B 45 -23.73 -18.38 -8.61
CA THR B 45 -23.32 -18.92 -7.32
C THR B 45 -23.92 -20.31 -7.12
N TRP B 46 -25.23 -20.41 -7.31
CA TRP B 46 -25.95 -21.67 -7.20
C TRP B 46 -25.30 -22.75 -8.06
N LEU B 47 -25.08 -22.44 -9.34
CA LEU B 47 -24.47 -23.37 -10.30
C LEU B 47 -23.09 -23.85 -9.83
N ARG B 48 -22.31 -22.94 -9.25
CA ARG B 48 -20.97 -23.26 -8.76
C ARG B 48 -21.02 -24.09 -7.47
N THR B 49 -22.13 -24.00 -6.74
CA THR B 49 -22.26 -24.71 -5.46
C THR B 49 -22.37 -26.23 -5.63
N THR B 50 -23.33 -26.68 -6.44
CA THR B 50 -23.50 -28.11 -6.71
C THR B 50 -22.33 -28.71 -7.48
N LEU B 51 -21.65 -27.89 -8.28
CA LEU B 51 -20.51 -28.34 -9.05
C LEU B 51 -19.18 -28.28 -8.27
N ARG B 52 -19.21 -27.66 -7.10
CA ARG B 52 -18.02 -27.56 -6.25
C ARG B 52 -17.81 -28.84 -5.44
N PRO B 53 -16.69 -29.55 -5.69
CA PRO B 53 -16.34 -30.69 -4.84
C PRO B 53 -15.73 -30.24 -3.52
N SER B 54 -15.90 -31.06 -2.48
CA SER B 54 -15.42 -30.75 -1.13
C SER B 54 -13.89 -30.64 -1.07
N PRO B 55 -13.35 -29.79 -0.17
CA PRO B 55 -11.90 -29.64 -0.01
C PRO B 55 -11.19 -30.97 0.26
N SER B 56 -11.89 -31.91 0.90
CA SER B 56 -11.36 -33.25 1.15
C SER B 56 -11.13 -34.03 -0.15
N PHE B 57 -12.10 -33.96 -1.05
CA PHE B 57 -12.03 -34.63 -2.34
C PHE B 57 -10.89 -34.09 -3.21
N ILE B 58 -10.69 -32.78 -3.16
CA ILE B 58 -9.61 -32.13 -3.90
C ILE B 58 -8.25 -32.46 -3.28
N HIS B 59 -8.20 -32.51 -1.95
CA HIS B 59 -6.98 -32.91 -1.24
C HIS B 59 -6.55 -34.31 -1.68
N PHE B 60 -7.53 -35.19 -1.85
CA PHE B 60 -7.30 -36.55 -2.34
C PHE B 60 -6.70 -36.54 -3.75
N LEU B 61 -7.24 -35.70 -4.62
CA LEU B 61 -6.76 -35.58 -6.00
C LEU B 61 -5.31 -35.11 -6.05
N LEU B 62 -4.98 -34.15 -5.18
CA LEU B 62 -3.64 -33.59 -5.14
C LEU B 62 -2.60 -34.51 -4.49
N THR B 63 -3.06 -35.50 -3.72
CA THR B 63 -2.16 -36.41 -3.02
C THR B 63 -2.18 -37.84 -3.59
N HIS B 64 -2.89 -38.03 -4.69
CA HIS B 64 -2.97 -39.35 -5.31
C HIS B 64 -2.84 -39.30 -6.84
N GLY B 65 -2.50 -40.43 -7.43
CA GLY B 65 -2.38 -40.56 -8.89
C GLY B 65 -1.03 -40.10 -9.42
N ARG B 66 0.03 -40.80 -8.99
CA ARG B 66 1.40 -40.51 -9.40
C ARG B 66 1.55 -40.35 -10.92
N TRP B 67 0.89 -41.23 -11.67
CA TRP B 67 0.96 -41.25 -13.13
C TRP B 67 0.38 -40.00 -13.79
N LEU B 68 -0.80 -39.56 -13.31
CA LEU B 68 -1.47 -38.39 -13.86
C LEU B 68 -0.67 -37.10 -13.62
N TRP B 69 -0.09 -36.97 -12.43
CA TRP B 69 0.64 -35.77 -12.04
C TRP B 69 2.02 -35.65 -12.68
N ASP B 70 2.59 -36.78 -13.08
CA ASP B 70 3.84 -36.78 -13.85
C ASP B 70 3.60 -36.18 -15.23
N PHE B 71 2.49 -36.57 -15.84
CA PHE B 71 2.01 -36.00 -17.10
C PHE B 71 1.69 -34.50 -16.95
N VAL B 72 0.90 -34.15 -15.93
CA VAL B 72 0.50 -32.77 -15.69
C VAL B 72 1.70 -31.83 -15.56
N ASN B 73 2.64 -32.18 -14.69
CA ASN B 73 3.81 -31.35 -14.40
C ASN B 73 4.72 -31.10 -15.60
N ALA B 74 4.68 -32.00 -16.59
CA ALA B 74 5.49 -31.87 -17.80
C ALA B 74 4.77 -31.12 -18.93
N THR B 75 3.56 -30.62 -18.63
CA THR B 75 2.77 -29.88 -19.61
C THR B 75 2.41 -28.48 -19.11
N PHE B 76 1.56 -27.80 -19.87
CA PHE B 76 1.07 -26.47 -19.51
C PHE B 76 0.05 -26.51 -18.37
N ILE B 77 -0.59 -27.66 -18.16
CA ILE B 77 -1.58 -27.85 -17.09
C ILE B 77 -1.02 -27.38 -15.74
N ARG B 78 0.27 -27.61 -15.52
CA ARG B 78 0.98 -27.15 -14.33
C ARG B 78 0.71 -25.65 -14.11
N ASP B 79 1.00 -24.86 -15.13
CA ASP B 79 0.78 -23.40 -15.08
C ASP B 79 -0.68 -23.05 -14.86
N THR B 80 -1.57 -23.75 -15.57
CA THR B 80 -3.02 -23.52 -15.48
C THR B 80 -3.51 -23.71 -14.06
N LEU B 81 -3.17 -24.86 -13.47
CA LEU B 81 -3.57 -25.21 -12.11
C LEU B 81 -2.92 -24.30 -11.06
N MET B 82 -1.66 -23.94 -11.26
CA MET B 82 -0.98 -23.03 -10.34
C MET B 82 -1.69 -21.68 -10.32
N ARG B 83 -1.96 -21.13 -11.51
CA ARG B 83 -2.77 -19.91 -11.63
C ARG B 83 -4.08 -20.05 -10.87
N LEU B 84 -4.72 -21.22 -11.01
CA LEU B 84 -5.99 -21.51 -10.36
C LEU B 84 -5.86 -21.49 -8.84
N VAL B 85 -4.84 -22.19 -8.32
CA VAL B 85 -4.56 -22.21 -6.89
C VAL B 85 -4.24 -20.82 -6.32
N LEU B 86 -3.47 -20.05 -7.08
CA LEU B 86 -3.08 -18.69 -6.70
C LEU B 86 -4.28 -17.75 -6.55
N THR B 87 -5.11 -17.68 -7.60
CA THR B 87 -6.23 -16.73 -7.62
C THR B 87 -7.34 -17.14 -6.67
N VAL B 88 -7.70 -18.42 -6.69
CA VAL B 88 -8.81 -18.91 -5.88
C VAL B 88 -8.59 -18.75 -4.37
N GLN B 89 -7.41 -19.13 -3.88
N GLN B 89 -7.41 -19.11 -3.88
CA GLN B 89 -7.11 -19.06 -2.45
CA GLN B 89 -7.14 -19.01 -2.43
C GLN B 89 -6.79 -17.65 -1.96
C GLN B 89 -6.97 -17.57 -1.93
N SER B 90 -6.01 -16.90 -2.73
N SER B 90 -6.37 -16.71 -2.74
CA SER B 90 -5.66 -15.54 -2.35
CA SER B 90 -6.27 -15.29 -2.36
C SER B 90 -6.89 -14.66 -2.21
C SER B 90 -7.28 -14.46 -3.15
N ASN B 91 -7.89 -14.91 -3.07
N ASN B 91 -8.56 -14.78 -2.99
CA ASN B 91 -9.07 -14.05 -3.11
CA ASN B 91 -9.61 -14.10 -3.74
C ASN B 91 -9.96 -14.15 -1.88
C ASN B 91 -10.24 -12.92 -3.01
N LEU B 92 -9.74 -15.16 -1.04
N LEU B 92 -11.14 -12.23 -3.71
CA LEU B 92 -10.44 -15.23 0.22
CA LEU B 92 -11.69 -10.96 -3.26
C LEU B 92 -9.99 -14.09 1.13
C LEU B 92 -10.61 -10.16 -2.53
N ILE B 93 -8.79 -13.59 0.88
N ILE B 93 -9.53 -10.85 -2.18
CA ILE B 93 -8.21 -12.52 1.69
CA ILE B 93 -8.39 -10.18 -1.61
C ILE B 93 -8.53 -11.14 1.13
C ILE B 93 -8.83 -9.22 -0.52
N PRO B 94 -9.18 -10.29 1.93
N PRO B 94 -9.15 -9.76 0.67
CA PRO B 94 -9.51 -8.93 1.52
CA PRO B 94 -9.57 -8.88 1.74
C PRO B 94 -8.28 -8.11 1.14
C PRO B 94 -8.87 -7.54 1.56
N SER B 95 -8.48 -7.12 0.28
N SER B 95 -7.95 -7.48 0.59
CA SER B 95 -7.39 -6.27 -0.19
CA SER B 95 -7.21 -6.26 0.30
C SER B 95 -7.95 -5.14 -1.05
C SER B 95 -7.93 -5.39 -0.70
N PRO B 96 -7.82 -3.90 -0.56
N PRO B 96 -7.90 -4.06 -0.50
CA PRO B 96 -7.17 -3.50 0.68
CA PRO B 96 -7.27 -3.50 0.69
C PRO B 96 -7.76 -4.20 1.91
C PRO B 96 -7.80 -4.17 1.95
N PRO B 97 -6.99 -4.24 3.02
CA PRO B 97 -7.39 -4.89 4.27
C PRO B 97 -8.57 -4.17 4.93
N THR B 98 -9.23 -4.83 5.86
CA THR B 98 -10.49 -4.33 6.41
C THR B 98 -10.41 -3.91 7.89
N TYR B 99 -10.44 -4.89 8.80
CA TYR B 99 -10.58 -4.60 10.24
C TYR B 99 -9.27 -4.76 11.02
N ASN B 100 -9.29 -4.26 12.26
CA ASN B 100 -8.19 -4.47 13.23
C ASN B 100 -8.71 -4.59 14.68
N ILE B 101 -7.79 -4.63 15.64
CA ILE B 101 -8.16 -4.75 17.06
C ILE B 101 -9.08 -3.60 17.54
N ALA B 102 -8.86 -2.40 17.01
CA ALA B 102 -9.61 -1.22 17.41
C ALA B 102 -10.93 -1.03 16.64
N HIS B 103 -10.93 -1.39 15.35
CA HIS B 103 -12.09 -1.19 14.49
C HIS B 103 -12.67 -2.49 13.90
N ASP B 104 -13.94 -2.75 14.18
CA ASP B 104 -14.66 -3.88 13.58
C ASP B 104 -15.52 -3.41 12.40
N TYR B 105 -14.91 -2.55 11.59
CA TYR B 105 -15.54 -1.87 10.47
C TYR B 105 -14.42 -1.20 9.68
N ILE B 106 -14.70 -0.86 8.43
CA ILE B 106 -13.70 -0.21 7.58
C ILE B 106 -13.57 1.27 7.96
N SER B 107 -12.33 1.72 8.12
CA SER B 107 -12.03 3.10 8.46
C SER B 107 -10.74 3.53 7.75
N TRP B 108 -10.49 4.85 7.71
CA TRP B 108 -9.22 5.34 7.19
C TRP B 108 -8.03 5.02 8.11
N GLU B 109 -8.28 4.97 9.41
CA GLU B 109 -7.25 4.60 10.37
C GLU B 109 -6.83 3.14 10.18
N SER B 110 -7.80 2.27 9.94
CA SER B 110 -7.51 0.85 9.71
C SER B 110 -6.76 0.58 8.42
N PHE B 111 -6.98 1.43 7.40
CA PHE B 111 -6.26 1.30 6.15
C PHE B 111 -4.83 1.80 6.27
N SER B 112 -4.65 2.96 6.92
CA SER B 112 -3.37 3.66 6.92
C SER B 112 -2.38 3.23 8.01
N ASN B 113 -2.88 2.92 9.20
CA ASN B 113 -2.00 2.62 10.34
C ASN B 113 -1.47 1.19 10.31
N VAL B 114 -0.25 1.05 9.82
CA VAL B 114 0.35 -0.27 9.58
C VAL B 114 0.91 -0.97 10.84
N SER B 115 0.85 -0.28 11.97
CA SER B 115 1.29 -0.88 13.24
C SER B 115 0.29 -1.89 13.79
N TYR B 116 -0.92 -1.92 13.21
CA TYR B 116 -1.94 -2.90 13.55
C TYR B 116 -1.77 -4.18 12.72
N TYR B 117 -2.06 -5.32 13.35
CA TYR B 117 -2.40 -6.52 12.60
C TYR B 117 -3.82 -6.30 12.09
N THR B 118 -4.16 -6.95 10.98
CA THR B 118 -5.53 -6.91 10.50
C THR B 118 -6.30 -8.15 10.95
N ARG B 119 -7.58 -8.23 10.59
CA ARG B 119 -8.38 -9.42 10.83
C ARG B 119 -9.38 -9.69 9.70
N ILE B 120 -9.67 -10.97 9.47
CA ILE B 120 -10.57 -11.38 8.40
C ILE B 120 -12.01 -11.35 8.88
N LEU B 121 -12.22 -11.82 10.11
CA LEU B 121 -13.50 -11.68 10.78
C LEU B 121 -13.35 -10.67 11.91
N PRO B 122 -14.40 -9.86 12.16
CA PRO B 122 -14.37 -8.92 13.28
C PRO B 122 -14.38 -9.63 14.63
N SER B 123 -13.99 -8.91 15.67
CA SER B 123 -13.99 -9.43 17.02
C SER B 123 -15.41 -9.76 17.50
N VAL B 124 -15.51 -10.66 18.47
CA VAL B 124 -16.78 -10.98 19.09
C VAL B 124 -17.23 -9.78 19.94
N PRO B 125 -18.38 -9.18 19.61
CA PRO B 125 -18.87 -7.99 20.33
C PRO B 125 -18.81 -8.13 21.85
N ARG B 126 -18.40 -7.06 22.52
CA ARG B 126 -18.25 -7.03 23.99
C ARG B 126 -19.56 -7.18 24.77
N ASP B 127 -20.66 -6.77 24.14
CA ASP B 127 -21.98 -6.70 24.78
C ASP B 127 -22.83 -7.95 24.53
N CYS B 128 -22.28 -9.11 24.87
CA CYS B 128 -22.92 -10.38 24.51
C CYS B 128 -22.88 -11.47 25.57
N PRO B 129 -23.85 -12.41 25.52
CA PRO B 129 -24.08 -13.41 26.57
C PRO B 129 -22.84 -14.24 26.89
N THR B 130 -22.18 -14.77 25.86
CA THR B 130 -20.98 -15.59 26.06
C THR B 130 -19.78 -14.94 25.38
N PRO B 131 -18.56 -15.21 25.89
CA PRO B 131 -17.34 -14.61 25.34
C PRO B 131 -17.05 -15.00 23.89
N MET B 132 -17.69 -16.07 23.42
CA MET B 132 -17.56 -16.53 22.04
C MET B 132 -18.79 -16.21 21.18
N GLY B 133 -19.75 -15.50 21.77
CA GLY B 133 -20.97 -15.09 21.04
C GLY B 133 -22.22 -15.29 21.86
N THR B 134 -23.03 -16.28 21.48
CA THR B 134 -24.24 -16.64 22.22
C THR B 134 -24.17 -18.06 22.76
N LYS B 135 -23.32 -18.89 22.14
CA LYS B 135 -23.23 -20.30 22.47
C LYS B 135 -22.02 -20.59 23.38
N GLY B 136 -22.14 -21.66 24.17
CA GLY B 136 -21.08 -22.03 25.11
C GLY B 136 -21.40 -21.63 26.52
N LYS B 137 -20.42 -21.83 27.42
CA LYS B 137 -20.59 -21.55 28.85
C LYS B 137 -20.19 -20.11 29.18
N LYS B 138 -20.60 -19.64 30.35
CA LYS B 138 -20.34 -18.26 30.79
C LYS B 138 -18.86 -17.91 30.82
N GLN B 139 -18.05 -18.86 31.31
CA GLN B 139 -16.60 -18.72 31.30
C GLN B 139 -15.96 -19.79 30.40
N LEU B 140 -14.87 -19.41 29.73
CA LEU B 140 -14.12 -20.32 28.87
C LEU B 140 -13.21 -21.23 29.68
N PRO B 141 -12.77 -22.37 29.10
CA PRO B 141 -11.89 -23.29 29.83
C PRO B 141 -10.53 -22.68 30.15
N ASP B 142 -9.95 -23.11 31.26
CA ASP B 142 -8.61 -22.67 31.68
C ASP B 142 -7.59 -22.96 30.59
N ALA B 143 -6.82 -21.95 30.21
CA ALA B 143 -5.85 -22.05 29.12
C ALA B 143 -4.73 -23.04 29.41
N GLU B 144 -4.29 -23.07 30.67
CA GLU B 144 -3.27 -24.03 31.12
C GLU B 144 -3.77 -25.47 31.02
N PHE B 145 -5.01 -25.69 31.44
CA PHE B 145 -5.61 -27.03 31.44
C PHE B 145 -5.80 -27.58 30.03
N LEU B 146 -6.27 -26.74 29.12
CA LEU B 146 -6.44 -27.13 27.71
C LEU B 146 -5.12 -27.56 27.08
N SER B 147 -4.04 -26.88 27.45
CA SER B 147 -2.71 -27.23 26.97
C SER B 147 -2.23 -28.53 27.60
N ARG B 148 -2.38 -28.64 28.92
CA ARG B 148 -1.91 -29.81 29.67
C ARG B 148 -2.62 -31.10 29.25
N ARG B 149 -3.95 -31.04 29.12
CA ARG B 149 -4.77 -32.21 28.84
C ARG B 149 -4.85 -32.60 27.35
N PHE B 150 -4.61 -31.64 26.46
CA PHE B 150 -4.82 -31.85 25.03
C PHE B 150 -3.63 -31.53 24.13
N LEU B 151 -2.75 -30.63 24.57
CA LEU B 151 -1.64 -30.19 23.72
C LEU B 151 -0.25 -30.66 24.19
N LEU B 152 -0.14 -31.02 25.47
CA LEU B 152 1.14 -31.43 26.05
C LEU B 152 1.63 -32.75 25.48
N ARG B 153 2.88 -32.77 25.06
CA ARG B 153 3.51 -33.97 24.52
C ARG B 153 3.77 -35.01 25.61
N ARG B 154 3.36 -36.24 25.34
CA ARG B 154 3.74 -37.36 26.17
C ARG B 154 4.89 -38.05 25.46
N LYS B 155 4.56 -38.93 24.52
CA LYS B 155 5.55 -39.49 23.61
C LYS B 155 5.69 -38.59 22.38
N PHE B 156 6.83 -38.67 21.71
CA PHE B 156 7.09 -37.87 20.52
C PHE B 156 6.40 -38.47 19.29
N ILE B 157 5.49 -37.70 18.71
CA ILE B 157 4.83 -38.08 17.46
C ILE B 157 5.52 -37.39 16.29
N PRO B 158 6.32 -38.16 15.53
CA PRO B 158 7.05 -37.55 14.42
C PRO B 158 6.12 -37.19 13.28
N ASP B 159 6.61 -36.39 12.34
CA ASP B 159 5.82 -36.05 11.17
C ASP B 159 5.87 -37.20 10.16
N PRO B 160 4.68 -37.73 9.78
CA PRO B 160 4.61 -38.78 8.77
C PRO B 160 5.03 -38.29 7.38
N GLN B 161 4.98 -36.98 7.16
CA GLN B 161 5.38 -36.37 5.87
C GLN B 161 6.89 -36.25 5.69
N GLY B 162 7.65 -36.54 6.75
CA GLY B 162 9.11 -36.57 6.70
C GLY B 162 9.81 -35.25 7.01
N THR B 163 9.03 -34.27 7.44
CA THR B 163 9.54 -32.93 7.75
C THR B 163 10.66 -32.98 8.80
N ASN B 164 11.68 -32.14 8.61
CA ASN B 164 12.84 -32.11 9.49
C ASN B 164 12.99 -30.81 10.28
N LEU B 165 14.10 -30.69 11.01
CA LEU B 165 14.38 -29.49 11.78
C LEU B 165 14.95 -28.37 10.93
N MET B 166 15.45 -28.72 9.74
CA MET B 166 15.90 -27.72 8.78
C MET B 166 14.69 -26.93 8.28
N PHE B 167 13.55 -27.61 8.18
CA PHE B 167 12.28 -26.97 7.85
C PHE B 167 11.76 -26.14 9.03
N ALA B 168 11.73 -26.75 10.21
CA ALA B 168 11.22 -26.08 11.40
C ALA B 168 11.92 -24.77 11.69
N PHE B 169 13.24 -24.76 11.56
CA PHE B 169 14.02 -23.55 11.81
C PHE B 169 13.88 -22.54 10.66
N PHE B 170 13.64 -23.03 9.44
CA PHE B 170 13.35 -22.15 8.31
C PHE B 170 12.00 -21.49 8.55
N ALA B 171 11.00 -22.29 8.90
CA ALA B 171 9.67 -21.79 9.23
C ALA B 171 9.76 -20.70 10.29
N GLN B 172 10.45 -21.00 11.39
CA GLN B 172 10.58 -20.06 12.51
C GLN B 172 11.29 -18.77 12.10
N HIS B 173 12.42 -18.93 11.41
CA HIS B 173 13.19 -17.81 10.85
C HIS B 173 12.27 -16.96 9.96
N PHE B 174 11.98 -17.47 8.76
CA PHE B 174 11.10 -16.83 7.77
C PHE B 174 9.89 -16.07 8.35
N THR B 175 9.05 -16.76 9.13
CA THR B 175 7.82 -16.15 9.67
C THR B 175 8.03 -14.96 10.60
N HIS B 176 9.22 -14.87 11.20
CA HIS B 176 9.51 -13.83 12.19
C HIS B 176 9.96 -12.50 11.59
N GLN B 177 9.87 -12.37 10.27
CA GLN B 177 10.06 -11.08 9.63
C GLN B 177 8.75 -10.33 9.52
N PHE B 178 7.63 -11.04 9.64
CA PHE B 178 6.31 -10.44 9.56
C PHE B 178 5.41 -10.75 10.76
N PHE B 179 5.96 -11.47 11.74
CA PHE B 179 5.35 -11.60 13.05
C PHE B 179 6.28 -10.99 14.08
N LYS B 180 6.01 -9.75 14.48
CA LYS B 180 6.73 -9.09 15.55
C LYS B 180 5.72 -8.32 16.40
N THR B 181 4.94 -9.05 17.18
CA THR B 181 3.96 -8.43 18.07
C THR B 181 4.73 -7.56 19.07
N SER B 182 4.23 -6.35 19.31
CA SER B 182 4.94 -5.39 20.16
C SER B 182 4.55 -5.53 21.63
N GLY B 183 5.56 -5.50 22.49
CA GLY B 183 5.35 -5.61 23.94
C GLY B 183 4.78 -4.36 24.55
N LYS B 184 5.27 -3.20 24.11
CA LYS B 184 4.85 -1.91 24.64
C LYS B 184 3.41 -1.56 24.25
N MET B 185 3.10 -1.64 22.96
CA MET B 185 1.78 -1.28 22.46
C MET B 185 0.74 -2.34 22.78
N GLY B 186 1.17 -3.60 22.80
CA GLY B 186 0.31 -4.69 23.25
C GLY B 186 -0.09 -5.67 22.16
N PRO B 187 -1.12 -6.49 22.42
CA PRO B 187 -1.58 -7.50 21.45
C PRO B 187 -2.35 -6.86 20.29
N GLY B 188 -2.23 -7.45 19.11
CA GLY B 188 -2.87 -6.90 17.91
C GLY B 188 -2.07 -5.80 17.23
N PHE B 189 -0.89 -5.48 17.79
CA PHE B 189 0.01 -4.49 17.20
C PHE B 189 1.32 -5.16 16.79
N THR B 190 1.99 -4.57 15.80
CA THR B 190 3.18 -5.18 15.20
C THR B 190 4.32 -4.18 14.97
N LYS B 191 5.55 -4.70 14.91
CA LYS B 191 6.74 -3.89 14.66
C LYS B 191 7.25 -4.07 13.23
N ALA B 192 6.90 -5.18 12.61
CA ALA B 192 7.31 -5.51 11.25
C ALA B 192 6.36 -4.88 10.24
N LEU B 193 6.72 -3.68 9.79
CA LEU B 193 5.80 -2.85 9.02
C LEU B 193 5.74 -3.19 7.53
N GLY B 194 6.73 -3.95 7.05
CA GLY B 194 6.74 -4.46 5.68
C GLY B 194 5.58 -5.42 5.42
N HIS B 195 5.04 -6.00 6.49
CA HIS B 195 3.86 -6.85 6.44
C HIS B 195 3.98 -8.04 5.48
N GLY B 196 5.20 -8.52 5.28
CA GLY B 196 5.44 -9.60 4.34
C GLY B 196 6.91 -9.88 4.17
N VAL B 197 7.28 -10.32 2.97
CA VAL B 197 8.66 -10.70 2.68
C VAL B 197 9.50 -9.47 2.32
N ASP B 198 9.88 -8.70 3.34
CA ASP B 198 10.80 -7.58 3.17
C ASP B 198 12.21 -7.97 3.56
N LEU B 199 12.35 -9.09 4.26
CA LEU B 199 13.63 -9.57 4.80
C LEU B 199 14.17 -8.67 5.90
N GLY B 200 13.27 -7.99 6.62
CA GLY B 200 13.63 -7.15 7.76
C GLY B 200 14.16 -7.95 8.94
N HIS B 201 14.16 -9.27 8.83
CA HIS B 201 14.79 -10.12 9.83
C HIS B 201 16.28 -10.26 9.51
N ILE B 202 16.66 -9.76 8.34
CA ILE B 202 18.04 -9.77 7.89
C ILE B 202 18.58 -8.34 7.93
N TYR B 203 17.80 -7.39 7.42
CA TYR B 203 18.25 -6.01 7.31
C TYR B 203 17.79 -5.11 8.46
N GLY B 204 16.72 -5.49 9.15
CA GLY B 204 16.18 -4.69 10.24
C GLY B 204 14.81 -4.14 9.87
N ASP B 205 13.99 -3.88 10.88
CA ASP B 205 12.64 -3.35 10.65
C ASP B 205 12.63 -1.82 10.61
N ASN B 206 13.81 -1.21 10.73
CA ASN B 206 13.95 0.25 10.65
C ASN B 206 15.26 0.66 9.97
N LEU B 207 15.30 1.92 9.52
CA LEU B 207 16.45 2.45 8.78
C LEU B 207 17.70 2.51 9.65
N GLU B 208 17.58 3.06 10.85
CA GLU B 208 18.71 3.22 11.77
C GLU B 208 19.45 1.89 11.96
N ARG B 209 18.69 0.85 12.29
CA ARG B 209 19.21 -0.50 12.52
C ARG B 209 19.94 -1.00 11.27
N GLN B 210 19.31 -0.85 10.12
CA GLN B 210 19.87 -1.28 8.84
C GLN B 210 21.23 -0.62 8.58
N TYR B 211 21.27 0.70 8.70
CA TYR B 211 22.49 1.48 8.53
C TYR B 211 23.62 1.00 9.46
N GLN B 212 23.26 0.60 10.67
CA GLN B 212 24.22 0.07 11.63
C GLN B 212 24.76 -1.31 11.26
N LEU B 213 23.96 -2.06 10.51
CA LEU B 213 24.33 -3.42 10.10
C LEU B 213 25.12 -3.45 8.80
N ARG B 214 25.02 -2.36 8.04
CA ARG B 214 25.66 -2.25 6.74
C ARG B 214 27.11 -1.81 6.86
N LEU B 215 27.96 -2.37 6.01
CA LEU B 215 29.38 -2.03 5.94
C LEU B 215 29.56 -0.66 5.29
N PHE B 216 28.60 -0.27 4.45
CA PHE B 216 28.65 0.94 3.63
C PHE B 216 29.77 0.95 2.59
N LYS B 217 30.25 -0.24 2.24
CA LYS B 217 31.20 -0.44 1.15
C LYS B 217 30.72 -1.65 0.36
N ASP B 218 30.86 -1.58 -0.96
CA ASP B 218 30.47 -2.67 -1.89
C ASP B 218 29.03 -3.18 -1.71
N GLY B 219 28.21 -2.40 -0.99
CA GLY B 219 26.80 -2.75 -0.74
C GLY B 219 26.61 -3.88 0.25
N LYS B 220 27.64 -4.17 1.04
CA LYS B 220 27.67 -5.35 1.88
C LYS B 220 27.17 -5.10 3.29
N LEU B 221 26.83 -6.20 3.97
CA LEU B 221 26.54 -6.18 5.39
C LEU B 221 27.82 -6.50 6.16
N LYS B 222 27.95 -5.96 7.37
CA LYS B 222 29.10 -6.24 8.22
C LYS B 222 29.18 -7.72 8.60
N TYR B 223 30.40 -8.21 8.83
CA TYR B 223 30.65 -9.61 9.20
C TYR B 223 31.93 -9.75 10.01
N GLN B 224 32.10 -10.90 10.65
CA GLN B 224 33.35 -11.22 11.35
C GLN B 224 33.91 -12.58 10.91
N MET B 225 35.20 -12.79 11.18
CA MET B 225 35.86 -14.03 10.82
C MET B 225 36.22 -14.83 12.07
N LEU B 226 35.60 -16.00 12.21
CA LEU B 226 35.90 -16.93 13.30
C LEU B 226 36.23 -18.30 12.72
N ASN B 227 37.47 -18.73 12.93
CA ASN B 227 37.99 -20.00 12.43
C ASN B 227 38.01 -20.13 10.89
N GLY B 228 38.08 -18.98 10.20
CA GLY B 228 38.12 -18.95 8.74
C GLY B 228 36.77 -18.83 8.06
N GLU B 229 35.70 -18.88 8.86
CA GLU B 229 34.34 -18.82 8.34
C GLU B 229 33.72 -17.43 8.59
N VAL B 230 32.86 -17.01 7.66
CA VAL B 230 32.17 -15.73 7.74
C VAL B 230 30.92 -15.85 8.62
N TYR B 231 30.89 -15.09 9.70
CA TYR B 231 29.74 -15.03 10.60
C TYR B 231 29.24 -13.60 10.76
N PRO B 232 27.99 -13.41 11.23
CA PRO B 232 27.50 -12.06 11.49
C PRO B 232 28.36 -11.36 12.54
N PRO B 233 28.39 -10.01 12.52
CA PRO B 233 29.35 -9.29 13.36
C PRO B 233 28.95 -9.27 14.83
N SER B 234 29.93 -9.01 15.70
CA SER B 234 29.68 -8.79 17.12
C SER B 234 28.96 -7.46 17.33
N VAL B 235 28.22 -7.36 18.43
CA VAL B 235 27.46 -6.15 18.78
C VAL B 235 28.36 -4.92 18.96
N GLU B 236 29.64 -5.16 19.30
CA GLU B 236 30.63 -4.09 19.40
C GLU B 236 30.91 -3.40 18.07
N GLU B 237 30.77 -4.12 16.96
CA GLU B 237 31.00 -3.57 15.62
C GLU B 237 29.72 -3.03 14.96
N ALA B 238 28.58 -3.63 15.31
CA ALA B 238 27.27 -3.16 14.87
C ALA B 238 26.36 -2.99 16.10
N PRO B 239 26.41 -1.80 16.73
CA PRO B 239 25.74 -1.59 18.02
C PRO B 239 24.22 -1.43 17.93
N VAL B 240 23.54 -2.53 17.60
CA VAL B 240 22.08 -2.57 17.57
C VAL B 240 21.54 -3.30 18.80
N LEU B 241 20.26 -3.08 19.09
CA LEU B 241 19.59 -3.76 20.19
C LEU B 241 19.40 -5.24 19.87
N MET B 242 19.96 -6.10 20.72
CA MET B 242 19.82 -7.55 20.60
C MET B 242 19.39 -8.11 21.95
N HIS B 243 18.43 -9.03 21.94
CA HIS B 243 17.97 -9.67 23.17
C HIS B 243 18.85 -10.87 23.53
N TYR B 244 19.82 -10.63 24.39
CA TYR B 244 20.67 -11.69 24.93
C TYR B 244 20.52 -11.71 26.45
N PRO B 245 20.79 -12.87 27.09
CA PRO B 245 20.80 -12.93 28.55
C PRO B 245 21.75 -11.89 29.13
N ARG B 246 21.26 -11.09 30.09
CA ARG B 246 22.06 -10.07 30.75
C ARG B 246 23.30 -10.68 31.41
N GLY B 247 24.46 -10.10 31.13
CA GLY B 247 25.72 -10.60 31.69
C GLY B 247 26.66 -11.18 30.66
N ILE B 248 26.08 -11.73 29.60
CA ILE B 248 26.82 -12.24 28.43
C ILE B 248 27.67 -11.11 27.81
N PRO B 249 28.96 -11.38 27.59
CA PRO B 249 29.90 -10.37 27.08
C PRO B 249 29.59 -9.97 25.65
N PRO B 250 29.70 -8.65 25.34
CA PRO B 250 29.28 -8.11 24.04
C PRO B 250 30.04 -8.71 22.85
N GLN B 251 31.28 -9.16 23.10
CA GLN B 251 32.10 -9.78 22.06
C GLN B 251 31.57 -11.13 21.57
N SER B 252 30.71 -11.76 22.39
CA SER B 252 30.06 -13.02 22.00
C SER B 252 28.59 -12.82 21.62
N GLN B 253 28.18 -11.57 21.48
CA GLN B 253 26.83 -11.23 21.04
C GLN B 253 26.87 -10.88 19.56
N MET B 254 26.13 -11.65 18.75
CA MET B 254 26.08 -11.42 17.30
C MET B 254 24.89 -10.52 16.93
N ALA B 255 25.13 -9.61 15.99
CA ALA B 255 24.12 -8.64 15.57
C ALA B 255 23.51 -8.98 14.21
N VAL B 256 22.19 -9.21 14.21
CA VAL B 256 21.45 -9.47 12.98
C VAL B 256 20.15 -8.65 12.92
N GLY B 257 19.48 -8.71 11.78
CA GLY B 257 18.24 -7.95 11.57
C GLY B 257 17.16 -8.11 12.62
N GLN B 258 17.05 -9.31 13.20
CA GLN B 258 15.98 -9.64 14.13
C GLN B 258 16.51 -9.86 15.56
N GLU B 259 15.87 -9.19 16.52
CA GLU B 259 16.35 -9.08 17.91
C GLU B 259 16.44 -10.41 18.68
N VAL B 260 15.59 -11.36 18.33
CA VAL B 260 15.47 -12.59 19.11
C VAL B 260 16.30 -13.75 18.55
N PHE B 261 16.89 -13.53 17.38
CA PHE B 261 17.58 -14.60 16.64
C PHE B 261 18.86 -15.14 17.31
N GLY B 262 19.32 -14.45 18.35
CA GLY B 262 20.49 -14.89 19.12
C GLY B 262 20.18 -15.93 20.17
N LEU B 263 18.90 -16.05 20.52
CA LEU B 263 18.45 -16.98 21.56
C LEU B 263 18.48 -18.45 21.14
N LEU B 264 18.42 -18.72 19.83
CA LEU B 264 18.44 -20.09 19.33
C LEU B 264 19.44 -20.27 18.18
N PRO B 265 20.28 -21.31 18.26
CA PRO B 265 21.27 -21.63 17.22
C PRO B 265 20.65 -21.79 15.83
N GLY B 266 19.50 -22.46 15.75
CA GLY B 266 18.78 -22.63 14.49
C GLY B 266 18.43 -21.33 13.78
N LEU B 267 18.10 -20.31 14.57
CA LEU B 267 17.80 -18.98 14.04
C LEU B 267 19.06 -18.30 13.55
N MET B 268 20.06 -18.24 14.43
CA MET B 268 21.36 -17.63 14.11
C MET B 268 22.08 -18.37 12.97
N LEU B 269 21.73 -19.63 12.76
CA LEU B 269 22.19 -20.43 11.61
C LEU B 269 21.74 -19.79 10.30
N TYR B 270 20.43 -19.61 10.14
CA TYR B 270 19.88 -19.07 8.91
C TYR B 270 20.30 -17.62 8.69
N ALA B 271 20.40 -16.88 9.80
CA ALA B 271 20.86 -15.50 9.80
C ALA B 271 22.25 -15.37 9.17
N THR B 272 23.12 -16.33 9.49
CA THR B 272 24.46 -16.40 8.91
C THR B 272 24.42 -16.70 7.41
N ILE B 273 23.67 -17.74 7.04
CA ILE B 273 23.55 -18.19 5.65
C ILE B 273 23.08 -17.08 4.73
N TRP B 274 22.02 -16.36 5.15
CA TRP B 274 21.45 -15.27 4.37
C TRP B 274 22.38 -14.05 4.26
N LEU B 275 23.07 -13.73 5.35
CA LEU B 275 24.09 -12.69 5.35
C LEU B 275 25.21 -13.05 4.38
N ARG B 276 25.64 -14.31 4.45
CA ARG B 276 26.70 -14.83 3.61
C ARG B 276 26.28 -14.89 2.14
N GLU B 277 24.96 -14.98 1.92
CA GLU B 277 24.37 -14.92 0.58
C GLU B 277 24.29 -13.48 0.07
N HIS B 278 23.98 -12.54 0.97
CA HIS B 278 23.86 -11.13 0.59
C HIS B 278 25.16 -10.55 0.02
N ASN B 279 26.25 -10.70 0.76
CA ASN B 279 27.57 -10.24 0.34
C ASN B 279 28.06 -10.95 -0.93
N ARG B 280 27.73 -12.23 -1.05
CA ARG B 280 28.02 -13.00 -2.26
C ARG B 280 27.33 -12.40 -3.49
N VAL B 281 26.08 -11.97 -3.30
CA VAL B 281 25.31 -11.33 -4.38
C VAL B 281 25.93 -9.98 -4.79
N CYS B 282 26.43 -9.23 -3.81
CA CYS B 282 27.15 -7.99 -4.06
C CYS B 282 28.38 -8.21 -4.92
N ASP B 283 29.08 -9.32 -4.68
CA ASP B 283 30.27 -9.67 -5.46
C ASP B 283 29.95 -9.96 -6.92
N LEU B 284 28.74 -10.48 -7.18
CA LEU B 284 28.29 -10.76 -8.55
C LEU B 284 27.81 -9.49 -9.26
N LEU B 285 27.10 -8.64 -8.53
CA LEU B 285 26.63 -7.36 -9.03
C LEU B 285 27.77 -6.40 -9.37
N LYS B 286 28.71 -6.23 -8.44
CA LYS B 286 29.86 -5.34 -8.62
C LYS B 286 30.73 -5.70 -9.84
N ALA B 287 30.82 -7.00 -10.14
CA ALA B 287 31.59 -7.45 -11.32
C ALA B 287 30.98 -6.97 -12.63
N GLU B 288 29.66 -6.74 -12.62
CA GLU B 288 28.94 -6.29 -13.81
C GLU B 288 28.52 -4.84 -13.73
N HIS B 289 28.76 -4.22 -12.58
CA HIS B 289 28.44 -2.81 -12.40
C HIS B 289 29.54 -2.11 -11.57
N PRO B 290 30.73 -1.93 -12.17
CA PRO B 290 31.86 -1.29 -11.48
C PRO B 290 31.57 0.14 -11.09
N THR B 291 30.63 0.77 -11.79
CA THR B 291 30.29 2.18 -11.58
C THR B 291 29.22 2.40 -10.51
N TRP B 292 28.56 1.32 -10.10
CA TRP B 292 27.51 1.39 -9.10
C TRP B 292 28.05 1.71 -7.72
N GLY B 293 27.38 2.60 -7.01
CA GLY B 293 27.72 2.94 -5.63
C GLY B 293 27.35 1.85 -4.63
N ASP B 294 27.58 2.14 -3.36
CA ASP B 294 27.25 1.21 -2.27
C ASP B 294 25.74 1.02 -2.13
N GLU B 295 24.99 2.11 -2.19
CA GLU B 295 23.54 2.08 -2.03
C GLU B 295 22.88 1.22 -3.12
N GLN B 296 23.24 1.43 -4.38
CA GLN B 296 22.69 0.64 -5.47
C GLN B 296 23.00 -0.85 -5.33
N LEU B 297 24.23 -1.17 -4.94
CA LEU B 297 24.64 -2.55 -4.70
C LEU B 297 23.81 -3.20 -3.58
N PHE B 298 23.65 -2.49 -2.46
CA PHE B 298 22.87 -2.99 -1.34
C PHE B 298 21.41 -3.23 -1.68
N GLN B 299 20.74 -2.20 -2.20
CA GLN B 299 19.30 -2.26 -2.48
C GLN B 299 18.93 -3.29 -3.55
N THR B 300 19.85 -3.54 -4.48
CA THR B 300 19.64 -4.52 -5.54
C THR B 300 19.84 -5.95 -5.01
N ALA B 301 20.79 -6.13 -4.11
CA ALA B 301 21.00 -7.42 -3.48
C ALA B 301 19.81 -7.81 -2.62
N ARG B 302 19.25 -6.85 -1.89
CA ARG B 302 18.05 -7.08 -1.08
C ARG B 302 16.90 -7.65 -1.91
N LEU B 303 16.65 -7.03 -3.07
CA LEU B 303 15.59 -7.47 -3.98
C LEU B 303 15.81 -8.88 -4.53
N ILE B 304 17.07 -9.20 -4.84
CA ILE B 304 17.47 -10.54 -5.27
C ILE B 304 17.21 -11.57 -4.17
N LEU B 305 17.46 -11.18 -2.93
CA LEU B 305 17.23 -12.05 -1.77
C LEU B 305 15.76 -12.15 -1.38
N ILE B 306 14.97 -11.13 -1.72
CA ILE B 306 13.51 -11.18 -1.54
C ILE B 306 12.92 -12.17 -2.56
N GLY B 307 13.42 -12.13 -3.77
CA GLY B 307 12.99 -13.05 -4.81
C GLY B 307 13.37 -14.48 -4.48
N GLU B 308 14.63 -14.68 -4.08
CA GLU B 308 15.15 -15.99 -3.72
C GLU B 308 14.33 -16.63 -2.62
N THR B 309 13.97 -15.85 -1.60
CA THR B 309 13.17 -16.33 -0.49
C THR B 309 11.83 -16.90 -0.96
N ILE B 310 11.12 -16.14 -1.78
CA ILE B 310 9.78 -16.53 -2.25
C ILE B 310 9.87 -17.75 -3.17
N LYS B 311 10.90 -17.79 -4.02
CA LYS B 311 11.16 -18.94 -4.89
C LYS B 311 11.35 -20.22 -4.08
N ILE B 312 12.11 -20.15 -3.00
CA ILE B 312 12.37 -21.32 -2.16
C ILE B 312 11.14 -21.68 -1.34
N VAL B 313 10.46 -20.67 -0.81
CA VAL B 313 9.26 -20.88 0.02
C VAL B 313 8.13 -21.55 -0.77
N ILE B 314 7.88 -21.08 -1.99
CA ILE B 314 6.81 -21.65 -2.81
C ILE B 314 7.18 -23.02 -3.35
N GLU B 315 8.37 -23.14 -3.96
CA GLU B 315 8.70 -24.36 -4.69
C GLU B 315 9.31 -25.48 -3.85
N GLU B 316 9.68 -25.17 -2.61
CA GLU B 316 10.33 -26.16 -1.76
C GLU B 316 9.66 -26.29 -0.39
N TYR B 317 9.38 -25.14 0.22
CA TYR B 317 8.81 -25.07 1.55
C TYR B 317 7.34 -25.49 1.54
N VAL B 318 6.50 -24.78 0.78
CA VAL B 318 5.08 -25.13 0.65
C VAL B 318 4.89 -26.50 -0.01
N GLN B 319 5.80 -26.86 -0.91
CA GLN B 319 5.82 -28.17 -1.55
C GLN B 319 5.86 -29.30 -0.50
N GLN B 320 6.87 -29.27 0.36
CA GLN B 320 7.04 -30.24 1.45
C GLN B 320 5.86 -30.24 2.42
N LEU B 321 5.32 -29.06 2.66
CA LEU B 321 4.19 -28.87 3.56
C LEU B 321 2.91 -29.49 3.01
N SER B 322 2.54 -29.07 1.81
CA SER B 322 1.30 -29.51 1.16
C SER B 322 1.28 -31.01 0.86
N GLY B 323 2.44 -31.56 0.49
CA GLY B 323 2.57 -32.97 0.12
C GLY B 323 1.95 -33.25 -1.25
N TYR B 324 1.72 -32.18 -2.01
CA TYR B 324 1.02 -32.27 -3.29
C TYR B 324 1.87 -32.88 -4.38
N PHE B 325 1.21 -33.59 -5.28
CA PHE B 325 1.86 -34.20 -6.44
C PHE B 325 1.93 -33.19 -7.58
N LEU B 326 1.31 -32.03 -7.35
CA LEU B 326 1.44 -30.88 -8.23
C LEU B 326 2.76 -30.17 -7.91
N GLN B 327 3.63 -30.08 -8.92
CA GLN B 327 4.91 -29.39 -8.79
C GLN B 327 4.64 -27.89 -8.75
N LEU B 328 4.74 -27.32 -7.55
CA LEU B 328 4.43 -25.90 -7.34
C LEU B 328 5.47 -25.00 -8.00
N LYS B 329 5.03 -23.83 -8.43
CA LYS B 329 5.77 -23.03 -9.40
C LYS B 329 5.73 -21.54 -9.06
N PHE B 330 6.92 -20.94 -8.91
CA PHE B 330 7.01 -19.51 -8.69
C PHE B 330 7.24 -18.74 -10.00
N ASP B 331 6.16 -18.13 -10.48
CA ASP B 331 6.19 -17.36 -11.70
C ASP B 331 5.13 -16.28 -11.59
N PRO B 332 5.54 -15.06 -11.18
CA PRO B 332 4.65 -13.92 -11.02
C PRO B 332 3.86 -13.63 -12.29
N GLU B 333 4.44 -13.95 -13.45
CA GLU B 333 3.80 -13.71 -14.74
C GLU B 333 2.46 -14.43 -14.91
N LEU B 334 2.23 -15.47 -14.09
CA LEU B 334 0.97 -16.21 -14.06
C LEU B 334 -0.22 -15.30 -13.77
N LEU B 335 -0.06 -14.38 -12.82
CA LEU B 335 -1.15 -13.53 -12.36
C LEU B 335 -1.30 -12.24 -13.19
N PHE B 336 -0.44 -12.07 -14.19
CA PHE B 336 -0.40 -10.83 -14.99
C PHE B 336 -1.65 -10.60 -15.82
N GLY B 337 -2.56 -11.57 -15.85
CA GLY B 337 -3.80 -11.45 -16.62
C GLY B 337 -5.05 -11.35 -15.78
N ALA B 338 -4.86 -11.31 -14.45
CA ALA B 338 -5.98 -11.33 -13.51
C ALA B 338 -6.02 -10.11 -12.61
N GLN B 339 -7.11 -9.99 -11.85
CA GLN B 339 -7.30 -8.87 -10.94
C GLN B 339 -6.73 -9.21 -9.57
N PHE B 340 -5.55 -8.67 -9.31
CA PHE B 340 -4.79 -8.99 -8.11
C PHE B 340 -4.11 -7.74 -7.57
N GLN B 341 -4.28 -7.49 -6.28
CA GLN B 341 -3.66 -6.35 -5.62
C GLN B 341 -2.29 -6.72 -5.07
N TYR B 342 -1.26 -6.00 -5.51
CA TYR B 342 0.10 -6.22 -5.01
C TYR B 342 0.35 -5.45 -3.72
N ARG B 343 -0.40 -5.84 -2.67
CA ARG B 343 -0.24 -5.31 -1.32
C ARG B 343 -0.63 -6.39 -0.32
N ASN B 344 -0.18 -6.27 0.93
CA ASN B 344 -0.51 -7.25 1.97
C ASN B 344 -0.48 -6.67 3.37
N ARG B 345 -1.40 -7.14 4.21
CA ARG B 345 -1.48 -6.77 5.60
C ARG B 345 -1.62 -8.04 6.45
N ILE B 346 -0.64 -8.26 7.33
CA ILE B 346 -0.57 -9.45 8.17
C ILE B 346 -1.71 -9.48 9.17
N ALA B 347 -2.33 -10.65 9.30
CA ALA B 347 -3.51 -10.83 10.14
C ALA B 347 -3.21 -11.59 11.42
N MET B 348 -3.95 -11.26 12.47
CA MET B 348 -3.83 -11.92 13.77
C MET B 348 -4.12 -13.41 13.69
N GLU B 349 -5.06 -13.78 12.83
CA GLU B 349 -5.44 -15.18 12.63
C GLU B 349 -4.27 -15.98 12.11
N PHE B 350 -3.53 -15.38 11.18
CA PHE B 350 -2.36 -16.01 10.58
C PHE B 350 -1.23 -16.08 11.60
N ASN B 351 -1.16 -15.07 12.47
CA ASN B 351 -0.25 -15.09 13.62
C ASN B 351 -0.61 -16.25 14.55
N GLN B 352 -1.88 -16.34 14.94
CA GLN B 352 -2.36 -17.43 15.79
C GLN B 352 -2.06 -18.80 15.15
N LEU B 353 -2.40 -18.92 13.87
CA LEU B 353 -2.27 -20.17 13.11
C LEU B 353 -0.83 -20.66 12.96
N TYR B 354 0.11 -19.73 12.87
CA TYR B 354 1.50 -20.08 12.53
C TYR B 354 2.35 -20.46 13.75
N HIS B 355 1.70 -20.70 14.88
CA HIS B 355 2.36 -21.19 16.08
C HIS B 355 2.54 -22.70 15.97
N TRP B 356 3.61 -23.09 15.28
CA TRP B 356 3.86 -24.48 14.91
C TRP B 356 4.85 -25.16 15.85
N HIS B 357 4.72 -24.87 17.14
CA HIS B 357 5.62 -25.39 18.17
C HIS B 357 5.71 -26.92 18.30
N PRO B 358 4.65 -27.65 17.90
CA PRO B 358 4.77 -29.11 17.84
C PRO B 358 5.89 -29.63 16.94
N LEU B 359 6.46 -28.77 16.10
CA LEU B 359 7.59 -29.17 15.24
C LEU B 359 8.85 -29.44 16.07
N MET B 360 8.94 -28.82 17.24
CA MET B 360 10.11 -28.92 18.10
C MET B 360 10.18 -30.25 18.86
N PRO B 361 11.39 -30.86 18.91
CA PRO B 361 11.55 -32.23 19.38
C PRO B 361 11.70 -32.34 20.88
N ASP B 362 12.14 -33.51 21.34
CA ASP B 362 12.48 -33.74 22.74
C ASP B 362 13.90 -33.23 23.00
N SER B 363 14.79 -33.48 22.04
CA SER B 363 16.19 -33.08 22.14
C SER B 363 16.70 -32.63 20.78
N PHE B 364 17.99 -32.33 20.70
CA PHE B 364 18.60 -31.84 19.46
C PHE B 364 19.86 -32.63 19.11
N ARG B 365 19.68 -33.67 18.30
CA ARG B 365 20.77 -34.56 17.94
C ARG B 365 21.68 -33.93 16.89
N VAL B 366 22.92 -33.64 17.30
CA VAL B 366 23.94 -33.13 16.41
C VAL B 366 25.08 -34.14 16.41
N GLY B 367 25.22 -34.85 15.30
CA GLY B 367 26.17 -35.96 15.19
C GLY B 367 25.93 -36.98 16.30
N PRO B 368 27.02 -37.48 16.92
CA PRO B 368 26.88 -38.43 18.04
C PRO B 368 26.31 -37.78 19.30
N GLN B 369 26.44 -36.46 19.41
CA GLN B 369 25.93 -35.72 20.55
C GLN B 369 24.41 -35.56 20.53
N ASP B 370 23.81 -35.63 21.71
CA ASP B 370 22.41 -35.28 21.92
C ASP B 370 22.38 -34.05 22.81
N TYR B 371 21.59 -33.05 22.43
CA TYR B 371 21.51 -31.81 23.21
C TYR B 371 20.12 -31.57 23.81
N SER B 372 20.12 -31.31 25.11
CA SER B 372 18.90 -31.01 25.85
C SER B 372 18.44 -29.60 25.52
N TYR B 373 17.24 -29.24 25.98
CA TYR B 373 16.71 -27.89 25.79
C TYR B 373 17.54 -26.85 26.53
N GLU B 374 18.06 -27.25 27.69
CA GLU B 374 18.87 -26.39 28.54
C GLU B 374 20.32 -26.26 28.06
N GLN B 375 20.69 -27.06 27.07
CA GLN B 375 22.01 -26.99 26.43
C GLN B 375 21.92 -26.29 25.07
N PHE B 376 20.74 -26.32 24.48
CA PHE B 376 20.51 -25.75 23.15
C PHE B 376 20.07 -24.31 23.22
N LEU B 377 19.04 -24.02 24.02
CA LEU B 377 18.55 -22.66 24.20
C LEU B 377 19.63 -21.74 24.75
N PHE B 378 19.70 -20.55 24.16
CA PHE B 378 20.63 -19.48 24.56
C PHE B 378 22.12 -19.77 24.36
N ASN B 379 22.47 -21.00 23.96
CA ASN B 379 23.88 -21.34 23.73
C ASN B 379 24.43 -20.50 22.59
N THR B 380 25.50 -19.75 22.87
CA THR B 380 26.03 -18.77 21.93
C THR B 380 27.26 -19.23 21.16
N SER B 381 27.81 -20.38 21.56
CA SER B 381 29.02 -20.89 20.92
C SER B 381 28.75 -22.03 19.94
N MET B 382 27.64 -22.74 20.11
CA MET B 382 27.31 -23.94 19.31
C MET B 382 27.46 -23.73 17.80
N LEU B 383 26.93 -22.61 17.30
CA LEU B 383 27.03 -22.28 15.88
C LEU B 383 28.48 -22.17 15.42
N VAL B 384 29.29 -21.47 16.20
CA VAL B 384 30.70 -21.26 15.87
C VAL B 384 31.52 -22.50 16.19
N ASP B 385 31.04 -23.32 17.12
CA ASP B 385 31.69 -24.58 17.46
C ASP B 385 31.60 -25.59 16.32
N TYR B 386 30.39 -25.81 15.80
CA TYR B 386 30.14 -26.80 14.77
C TYR B 386 30.32 -26.29 13.34
N GLY B 387 29.84 -25.07 13.08
CA GLY B 387 29.87 -24.51 11.73
C GLY B 387 28.56 -24.74 11.01
N VAL B 388 28.38 -24.03 9.89
CA VAL B 388 27.16 -24.12 9.11
C VAL B 388 26.94 -25.54 8.56
N GLU B 389 27.94 -26.06 7.85
CA GLU B 389 27.88 -27.39 7.24
C GLU B 389 27.37 -28.43 8.21
N ALA B 390 28.03 -28.51 9.37
CA ALA B 390 27.72 -29.53 10.38
C ALA B 390 26.35 -29.38 11.02
N LEU B 391 25.88 -28.15 11.17
CA LEU B 391 24.56 -27.91 11.77
C LEU B 391 23.41 -28.11 10.79
N VAL B 392 23.60 -27.69 9.54
CA VAL B 392 22.62 -27.92 8.47
C VAL B 392 22.46 -29.43 8.22
N ASP B 393 23.55 -30.18 8.34
CA ASP B 393 23.51 -31.63 8.17
C ASP B 393 22.74 -32.29 9.32
N ALA B 394 22.92 -31.77 10.52
CA ALA B 394 22.28 -32.32 11.70
C ALA B 394 20.80 -32.01 11.75
N PHE B 395 20.40 -30.89 11.17
CA PHE B 395 19.00 -30.46 11.20
C PHE B 395 18.17 -31.07 10.08
N SER B 396 18.84 -31.39 8.98
CA SER B 396 18.19 -32.01 7.83
C SER B 396 17.93 -33.49 8.06
N ARG B 397 18.60 -34.07 9.06
CA ARG B 397 18.49 -35.49 9.35
C ARG B 397 17.49 -35.81 10.47
N GLN B 398 17.38 -34.91 11.45
CA GLN B 398 16.47 -35.11 12.58
C GLN B 398 15.04 -34.78 12.18
N PRO B 399 14.10 -35.69 12.49
CA PRO B 399 12.68 -35.45 12.19
C PRO B 399 12.04 -34.37 13.06
N ALA B 400 10.98 -33.76 12.55
CA ALA B 400 10.20 -32.78 13.29
C ALA B 400 8.86 -33.39 13.69
N GLY B 401 8.24 -32.83 14.72
CA GLY B 401 6.96 -33.33 15.23
C GLY B 401 5.80 -33.07 14.30
N ARG B 402 4.74 -33.85 14.46
CA ARG B 402 3.50 -33.67 13.71
C ARG B 402 2.71 -32.53 14.34
N ILE B 403 2.32 -31.54 13.54
CA ILE B 403 1.66 -30.33 14.04
C ILE B 403 0.23 -30.60 14.55
N GLY B 404 -0.60 -31.22 13.71
CA GLY B 404 -1.98 -31.55 14.09
C GLY B 404 -2.09 -32.83 14.91
N GLY B 405 -3.32 -33.26 15.16
CA GLY B 405 -3.56 -34.51 15.90
C GLY B 405 -3.78 -34.27 17.39
N GLY B 406 -2.77 -33.67 18.04
CA GLY B 406 -2.86 -33.33 19.45
C GLY B 406 -1.69 -33.82 20.27
N ARG B 407 -1.61 -33.32 21.51
CA ARG B 407 -0.62 -33.77 22.51
C ARG B 407 0.80 -33.92 21.96
N ASN B 408 1.31 -32.88 21.30
CA ASN B 408 2.63 -32.98 20.67
C ASN B 408 3.58 -31.78 20.89
N ILE B 409 3.27 -30.94 21.88
CA ILE B 409 4.17 -29.85 22.26
C ILE B 409 4.99 -30.25 23.50
N ASP B 410 6.31 -30.33 23.30
CA ASP B 410 7.28 -30.61 24.37
C ASP B 410 7.09 -29.64 25.53
N HIS B 411 7.14 -30.16 26.75
CA HIS B 411 6.79 -29.39 27.97
C HIS B 411 7.56 -28.07 28.16
N HIS B 412 8.77 -28.00 27.61
CA HIS B 412 9.64 -26.83 27.76
C HIS B 412 9.05 -25.54 27.18
N ILE B 413 8.26 -25.67 26.10
CA ILE B 413 7.69 -24.51 25.41
C ILE B 413 6.16 -24.52 25.35
N LEU B 414 5.52 -25.28 26.25
CA LEU B 414 4.07 -25.36 26.27
C LEU B 414 3.43 -24.03 26.64
N HIS B 415 4.12 -23.27 27.50
CA HIS B 415 3.67 -21.95 27.96
C HIS B 415 3.32 -20.99 26.83
N VAL B 416 3.94 -21.17 25.66
CA VAL B 416 3.67 -20.35 24.49
C VAL B 416 2.23 -20.55 24.02
N ALA B 417 1.84 -21.82 23.85
CA ALA B 417 0.48 -22.19 23.45
C ALA B 417 -0.56 -21.67 24.44
N VAL B 418 -0.20 -21.70 25.72
CA VAL B 418 -1.05 -21.17 26.79
C VAL B 418 -1.33 -19.68 26.57
N ASP B 419 -0.27 -18.91 26.31
CA ASP B 419 -0.38 -17.49 26.04
C ASP B 419 -1.07 -17.18 24.71
N VAL B 420 -0.88 -18.05 23.72
CA VAL B 420 -1.59 -17.95 22.43
C VAL B 420 -3.09 -18.02 22.64
N ILE B 421 -3.55 -18.99 23.43
CA ILE B 421 -4.97 -19.12 23.77
C ILE B 421 -5.44 -17.91 24.58
N LYS B 422 -4.61 -17.49 25.54
CA LYS B 422 -4.88 -16.29 26.34
C LYS B 422 -5.04 -15.04 25.45
N GLU B 423 -4.09 -14.84 24.53
CA GLU B 423 -4.10 -13.71 23.61
C GLU B 423 -5.33 -13.76 22.72
N SER B 424 -5.72 -14.98 22.36
CA SER B 424 -6.90 -15.25 21.53
C SER B 424 -8.22 -14.99 22.27
N ARG B 425 -8.15 -14.25 23.37
CA ARG B 425 -9.34 -13.89 24.14
C ARG B 425 -9.37 -12.39 24.42
N VAL B 426 -8.19 -11.79 24.42
CA VAL B 426 -8.03 -10.34 24.47
C VAL B 426 -8.40 -9.75 23.12
N LEU B 427 -8.05 -10.48 22.05
CA LEU B 427 -8.34 -10.09 20.68
C LEU B 427 -9.79 -10.41 20.28
N ARG B 428 -10.49 -11.15 21.13
CA ARG B 428 -11.84 -11.65 20.87
C ARG B 428 -12.02 -12.28 19.47
N LEU B 429 -11.19 -13.26 19.16
CA LEU B 429 -11.31 -14.04 17.93
C LEU B 429 -12.58 -14.88 17.94
N GLN B 430 -13.31 -14.83 16.83
CA GLN B 430 -14.58 -15.58 16.68
C GLN B 430 -14.36 -17.08 16.81
N PRO B 431 -15.41 -17.84 17.10
CA PRO B 431 -15.21 -19.28 17.30
C PRO B 431 -14.83 -20.00 16.02
N PHE B 432 -14.02 -21.06 16.16
CA PHE B 432 -13.51 -21.87 15.07
C PHE B 432 -14.50 -22.13 13.92
N ASN B 433 -15.71 -22.56 14.27
CA ASN B 433 -16.77 -22.86 13.29
C ASN B 433 -17.20 -21.67 12.42
N GLU B 434 -17.02 -20.45 12.93
CA GLU B 434 -17.27 -19.26 12.13
C GLU B 434 -16.20 -19.06 11.06
N TYR B 435 -14.94 -19.34 11.44
CA TYR B 435 -13.85 -19.30 10.48
C TYR B 435 -13.95 -20.40 9.41
N ARG B 436 -14.45 -21.56 9.81
CA ARG B 436 -14.75 -22.65 8.89
C ARG B 436 -15.57 -22.12 7.71
N LYS B 437 -16.63 -21.39 8.02
CA LYS B 437 -17.51 -20.83 6.99
C LYS B 437 -16.85 -19.69 6.20
N ARG B 438 -16.03 -18.86 6.86
CA ARG B 438 -15.36 -17.77 6.19
C ARG B 438 -14.36 -18.27 5.14
N PHE B 439 -13.67 -19.37 5.44
CA PHE B 439 -12.73 -19.96 4.48
C PHE B 439 -13.34 -21.10 3.67
N GLY B 440 -14.66 -21.04 3.48
CA GLY B 440 -15.37 -21.93 2.55
C GLY B 440 -15.44 -23.39 2.92
N MET B 441 -15.60 -23.67 4.21
CA MET B 441 -15.79 -25.03 4.70
C MET B 441 -17.08 -25.14 5.50
N LYS B 442 -17.59 -26.38 5.62
CA LYS B 442 -18.75 -26.68 6.45
C LYS B 442 -18.35 -26.67 7.92
N PRO B 443 -19.19 -26.08 8.79
CA PRO B 443 -18.93 -26.13 10.23
C PRO B 443 -19.07 -27.56 10.76
N TYR B 444 -18.31 -27.87 11.81
CA TYR B 444 -18.41 -29.16 12.48
C TYR B 444 -19.68 -29.20 13.34
N THR B 445 -20.34 -30.35 13.36
CA THR B 445 -21.58 -30.52 14.13
C THR B 445 -21.34 -31.18 15.49
N SER B 446 -20.18 -31.80 15.64
CA SER B 446 -19.81 -32.48 16.88
C SER B 446 -18.31 -32.42 17.10
N PHE B 447 -17.90 -32.67 18.34
CA PHE B 447 -16.48 -32.82 18.67
C PHE B 447 -15.92 -34.14 18.14
N GLN B 448 -16.79 -35.15 18.03
CA GLN B 448 -16.44 -36.41 17.39
C GLN B 448 -15.98 -36.19 15.96
N GLU B 449 -16.80 -35.49 15.18
CA GLU B 449 -16.48 -35.19 13.77
C GLU B 449 -15.20 -34.38 13.64
N LEU B 450 -14.90 -33.56 14.65
CA LEU B 450 -13.68 -32.75 14.67
C LEU B 450 -12.41 -33.58 14.85
N THR B 451 -12.39 -34.46 15.85
CA THR B 451 -11.20 -35.22 16.20
C THR B 451 -11.10 -36.57 15.49
N GLY B 452 -12.24 -37.12 15.09
CA GLY B 452 -12.28 -38.41 14.42
C GLY B 452 -12.17 -39.59 15.38
N GLU B 453 -12.04 -39.27 16.66
CA GLU B 453 -12.03 -40.27 17.73
C GLU B 453 -13.15 -39.99 18.73
N LYS B 454 -13.16 -40.71 19.85
CA LYS B 454 -14.25 -40.62 20.83
C LYS B 454 -13.83 -40.07 22.20
N GLU B 455 -12.65 -40.50 22.66
CA GLU B 455 -12.15 -40.16 24.00
C GLU B 455 -11.91 -38.66 24.21
N MET B 456 -10.87 -38.11 23.58
CA MET B 456 -10.50 -36.69 23.72
C MET B 456 -11.61 -35.72 23.30
N ALA B 457 -12.54 -36.19 22.48
CA ALA B 457 -13.68 -35.39 22.02
C ALA B 457 -14.70 -35.16 23.14
N ALA B 458 -15.10 -36.26 23.79
CA ALA B 458 -16.12 -36.23 24.84
C ALA B 458 -15.75 -35.32 26.03
N GLU B 459 -14.45 -35.23 26.32
CA GLU B 459 -13.99 -34.35 27.39
C GLU B 459 -14.08 -32.87 26.97
N LEU B 460 -13.80 -32.59 25.70
CA LEU B 460 -13.94 -31.25 25.14
C LEU B 460 -15.39 -30.79 25.10
N GLU B 461 -16.29 -31.75 24.91
CA GLU B 461 -17.72 -31.48 24.86
C GLU B 461 -18.21 -30.95 26.20
N GLU B 462 -17.74 -31.55 27.29
CA GLU B 462 -18.14 -31.16 28.64
C GLU B 462 -17.59 -29.79 29.03
N LEU B 463 -16.34 -29.51 28.66
CA LEU B 463 -15.69 -28.24 28.95
C LEU B 463 -16.30 -27.08 28.16
N TYR B 464 -16.40 -27.24 26.84
CA TYR B 464 -16.87 -26.17 25.95
C TYR B 464 -18.39 -26.05 25.87
N GLY B 465 -19.09 -27.13 26.16
CA GLY B 465 -20.56 -27.16 26.12
C GLY B 465 -21.15 -27.29 24.73
N ASP B 466 -20.43 -26.78 23.73
CA ASP B 466 -20.91 -26.73 22.35
C ASP B 466 -19.73 -26.68 21.41
N ILE B 467 -19.86 -27.30 20.23
CA ILE B 467 -18.86 -27.22 19.17
C ILE B 467 -18.82 -25.80 18.56
N ASP B 468 -19.97 -25.13 18.56
CA ASP B 468 -20.08 -23.76 18.09
C ASP B 468 -19.27 -22.78 18.95
N ALA B 469 -18.77 -23.26 20.09
CA ALA B 469 -18.00 -22.46 21.03
C ALA B 469 -16.49 -22.68 20.94
N LEU B 470 -16.08 -23.80 20.33
CA LEU B 470 -14.67 -24.16 20.20
C LEU B 470 -13.83 -23.00 19.64
N GLU B 471 -12.69 -22.77 20.28
CA GLU B 471 -11.81 -21.66 19.92
C GLU B 471 -10.94 -21.94 18.70
N PHE B 472 -10.32 -20.88 18.17
CA PHE B 472 -9.59 -20.91 16.91
C PHE B 472 -8.35 -21.82 16.95
N TYR B 473 -7.39 -21.46 17.80
CA TYR B 473 -6.11 -22.19 17.89
C TYR B 473 -6.24 -23.61 18.44
N PRO B 474 -7.10 -23.83 19.46
CA PRO B 474 -7.37 -25.20 19.87
C PRO B 474 -8.04 -26.02 18.77
N GLY B 475 -8.96 -25.41 18.03
CA GLY B 475 -9.61 -26.07 16.89
C GLY B 475 -8.62 -26.58 15.86
N LEU B 476 -7.67 -25.72 15.48
CA LEU B 476 -6.67 -26.06 14.47
C LEU B 476 -5.75 -27.21 14.90
N LEU B 477 -5.37 -27.24 16.17
CA LEU B 477 -4.37 -28.22 16.64
C LEU B 477 -4.94 -29.52 17.20
N LEU B 478 -6.27 -29.62 17.27
CA LEU B 478 -6.93 -30.82 17.78
C LEU B 478 -7.69 -31.57 16.70
N GLU B 479 -8.02 -30.87 15.61
CA GLU B 479 -8.67 -31.47 14.46
C GLU B 479 -7.88 -32.64 13.90
N LYS B 480 -8.60 -33.70 13.52
CA LYS B 480 -8.01 -34.85 12.83
C LYS B 480 -7.19 -34.41 11.61
N CYS B 481 -5.99 -35.00 11.48
CA CYS B 481 -5.15 -34.75 10.31
C CYS B 481 -5.70 -35.50 9.11
N HIS B 482 -5.38 -35.00 7.91
CA HIS B 482 -5.54 -35.79 6.69
C HIS B 482 -4.68 -37.05 6.83
N PRO B 483 -5.08 -38.16 6.18
CA PRO B 483 -4.31 -39.40 6.31
C PRO B 483 -2.83 -39.22 6.02
N ASN B 484 -1.99 -39.58 6.98
CA ASN B 484 -0.53 -39.53 6.88
C ASN B 484 0.04 -38.12 6.60
N SER B 485 -0.71 -37.09 7.01
CA SER B 485 -0.28 -35.72 6.79
C SER B 485 0.14 -35.03 8.10
N ILE B 486 0.68 -33.82 7.97
CA ILE B 486 1.26 -33.07 9.09
C ILE B 486 0.22 -32.35 9.97
N PHE B 487 -0.87 -31.91 9.35
CA PHE B 487 -1.99 -31.29 10.07
C PHE B 487 -3.31 -31.47 9.32
N GLY B 488 -4.39 -30.92 9.89
CA GLY B 488 -5.73 -31.11 9.34
C GLY B 488 -6.07 -30.23 8.16
N GLU B 489 -7.31 -30.36 7.68
CA GLU B 489 -7.77 -29.60 6.51
C GLU B 489 -7.86 -28.10 6.80
N SER B 490 -8.19 -27.75 8.05
CA SER B 490 -8.41 -26.36 8.44
C SER B 490 -7.13 -25.53 8.35
N MET B 491 -6.01 -26.11 8.77
CA MET B 491 -4.71 -25.44 8.65
C MET B 491 -4.38 -25.11 7.18
N ILE B 492 -4.74 -26.00 6.26
CA ILE B 492 -4.50 -25.79 4.82
C ILE B 492 -5.47 -24.78 4.22
N GLU B 493 -6.76 -24.98 4.46
CA GLU B 493 -7.82 -24.15 3.88
C GLU B 493 -7.82 -22.71 4.41
N MET B 494 -7.26 -22.52 5.61
CA MET B 494 -7.18 -21.19 6.23
C MET B 494 -5.78 -20.60 6.09
N GLY B 495 -4.76 -21.43 6.23
CA GLY B 495 -3.37 -20.97 6.17
C GLY B 495 -2.93 -20.48 4.80
N ALA B 496 -3.16 -21.29 3.78
CA ALA B 496 -2.72 -21.01 2.42
C ALA B 496 -3.20 -19.66 1.83
N PRO B 497 -4.49 -19.30 2.04
CA PRO B 497 -4.93 -17.99 1.57
C PRO B 497 -4.05 -16.84 2.07
N PHE B 498 -3.73 -16.87 3.36
CA PHE B 498 -2.84 -15.89 3.97
C PHE B 498 -1.44 -16.02 3.37
N SER B 499 -0.96 -17.27 3.34
CA SER B 499 0.39 -17.60 2.93
C SER B 499 0.67 -17.13 1.51
N LEU B 500 -0.17 -17.55 0.58
CA LEU B 500 0.02 -17.27 -0.84
C LEU B 500 -0.15 -15.78 -1.18
N LYS B 501 -1.10 -15.12 -0.51
CA LYS B 501 -1.31 -13.69 -0.71
C LYS B 501 -0.07 -12.89 -0.32
N GLY B 502 0.55 -13.26 0.80
CA GLY B 502 1.79 -12.66 1.26
C GLY B 502 2.90 -12.80 0.24
N LEU B 503 3.10 -14.02 -0.26
CA LEU B 503 4.19 -14.29 -1.22
C LEU B 503 4.01 -13.54 -2.54
N LEU B 504 2.84 -13.69 -3.16
CA LEU B 504 2.57 -13.13 -4.48
C LEU B 504 2.17 -11.66 -4.45
N GLY B 505 1.71 -11.19 -3.29
CA GLY B 505 1.35 -9.78 -3.11
C GLY B 505 2.53 -8.85 -2.95
N ASN B 506 3.72 -9.42 -2.80
CA ASN B 506 4.96 -8.65 -2.75
C ASN B 506 5.14 -7.81 -4.03
N PRO B 507 5.52 -6.53 -3.88
CA PRO B 507 5.67 -5.64 -5.03
C PRO B 507 6.59 -6.18 -6.11
N ILE B 508 7.57 -7.00 -5.74
CA ILE B 508 8.51 -7.54 -6.72
C ILE B 508 7.85 -8.48 -7.74
N CYS B 509 6.64 -8.94 -7.40
CA CYS B 509 5.87 -9.82 -8.28
C CYS B 509 4.98 -9.03 -9.25
N SER B 510 4.89 -7.72 -9.05
CA SER B 510 4.04 -6.88 -9.90
C SER B 510 4.60 -6.76 -11.32
N PRO B 511 3.72 -6.46 -12.31
CA PRO B 511 4.16 -6.14 -13.67
C PRO B 511 5.20 -5.01 -13.70
N GLU B 512 5.12 -4.08 -12.74
CA GLU B 512 6.06 -2.97 -12.68
C GLU B 512 7.48 -3.38 -12.26
N TYR B 513 7.58 -4.30 -11.30
CA TYR B 513 8.87 -4.65 -10.68
C TYR B 513 9.51 -5.93 -11.24
N TRP B 514 8.69 -6.85 -11.75
CA TRP B 514 9.20 -8.13 -12.25
C TRP B 514 9.90 -7.95 -13.60
N LYS B 515 11.09 -7.35 -13.56
CA LYS B 515 11.90 -7.06 -14.74
C LYS B 515 13.34 -7.44 -14.46
N ALA B 516 14.15 -7.57 -15.51
CA ALA B 516 15.57 -7.87 -15.35
C ALA B 516 16.33 -6.73 -14.70
N SER B 517 16.09 -5.50 -15.17
CA SER B 517 16.76 -4.30 -14.65
C SER B 517 16.62 -4.14 -13.14
N THR B 518 15.46 -4.54 -12.61
CA THR B 518 15.16 -4.44 -11.18
C THR B 518 16.20 -5.15 -10.31
N PHE B 519 16.74 -6.26 -10.84
CA PHE B 519 17.70 -7.09 -10.13
C PHE B 519 19.08 -6.98 -10.78
N GLY B 520 19.36 -5.83 -11.39
CA GLY B 520 20.66 -5.58 -12.02
C GLY B 520 20.91 -6.34 -13.32
N GLY B 521 19.87 -6.97 -13.86
CA GLY B 521 19.98 -7.66 -15.13
C GLY B 521 19.77 -9.16 -15.08
N GLU B 522 20.17 -9.83 -16.16
CA GLU B 522 19.92 -11.25 -16.35
C GLU B 522 20.57 -12.11 -15.26
N VAL B 523 21.77 -11.73 -14.84
CA VAL B 523 22.50 -12.43 -13.79
C VAL B 523 21.71 -12.43 -12.48
N GLY B 524 21.23 -11.26 -12.08
CA GLY B 524 20.44 -11.13 -10.86
C GLY B 524 19.07 -11.76 -10.99
N PHE B 525 18.48 -11.68 -12.17
CA PHE B 525 17.15 -12.21 -12.42
C PHE B 525 17.16 -13.75 -12.40
N ASN B 526 18.17 -14.35 -13.01
CA ASN B 526 18.36 -15.79 -12.96
C ASN B 526 18.65 -16.34 -11.55
N LEU B 527 19.33 -15.53 -10.72
CA LEU B 527 19.58 -15.91 -9.32
C LEU B 527 18.27 -16.08 -8.56
N VAL B 528 17.29 -15.22 -8.86
CA VAL B 528 15.95 -15.39 -8.33
C VAL B 528 15.30 -16.66 -8.90
N LYS B 529 15.30 -16.77 -10.23
CA LYS B 529 14.60 -17.84 -10.94
C LYS B 529 15.11 -19.24 -10.65
N THR B 530 16.41 -19.39 -10.44
CA THR B 530 17.01 -20.71 -10.20
C THR B 530 17.35 -21.01 -8.74
N ALA B 531 16.99 -20.09 -7.84
CA ALA B 531 17.25 -20.23 -6.41
C ALA B 531 16.76 -21.55 -5.84
N THR B 532 17.46 -22.02 -4.80
CA THR B 532 17.29 -23.36 -4.25
C THR B 532 17.87 -23.38 -2.83
N LEU B 533 17.26 -24.16 -1.94
CA LEU B 533 17.76 -24.28 -0.55
C LEU B 533 19.19 -24.82 -0.56
N LYS B 534 19.39 -25.92 -1.28
CA LYS B 534 20.70 -26.54 -1.46
C LYS B 534 21.74 -25.54 -1.97
N LYS B 535 21.34 -24.68 -2.90
CA LYS B 535 22.22 -23.64 -3.45
C LYS B 535 22.46 -22.49 -2.47
N LEU B 536 21.45 -22.18 -1.66
CA LEU B 536 21.55 -21.13 -0.66
C LEU B 536 22.61 -21.49 0.38
N VAL B 537 22.72 -22.77 0.69
CA VAL B 537 23.69 -23.25 1.65
C VAL B 537 25.04 -23.53 0.99
N CYS B 538 25.05 -24.45 0.02
CA CYS B 538 26.29 -25.02 -0.51
C CYS B 538 27.16 -24.08 -1.36
N LEU B 539 26.57 -23.00 -1.86
CA LEU B 539 27.36 -21.96 -2.53
C LEU B 539 28.03 -21.02 -1.52
N ASN B 540 27.58 -21.10 -0.28
CA ASN B 540 28.13 -20.28 0.82
C ASN B 540 28.93 -21.09 1.85
N THR B 541 29.20 -22.35 1.54
CA THR B 541 29.96 -23.22 2.45
C THR B 541 31.16 -23.85 1.74
N LYS B 542 32.14 -24.31 2.53
CA LYS B 542 33.33 -24.99 1.99
C LYS B 542 32.96 -26.36 1.41
N THR B 543 32.18 -27.12 2.16
CA THR B 543 31.68 -28.42 1.71
C THR B 543 30.15 -28.42 1.69
N CYS B 544 29.58 -29.41 1.03
CA CYS B 544 28.13 -29.49 0.88
C CYS B 544 27.55 -30.67 1.67
N PRO B 545 26.78 -30.37 2.73
CA PRO B 545 26.18 -31.41 3.56
C PRO B 545 24.87 -31.90 2.96
N TYR B 546 24.19 -32.82 3.66
CA TYR B 546 22.81 -33.13 3.32
C TYR B 546 21.93 -31.96 3.76
N VAL B 547 21.21 -31.41 2.79
CA VAL B 547 20.38 -30.22 3.01
C VAL B 547 19.05 -30.38 2.28
N SER B 548 17.97 -30.30 3.05
CA SER B 548 16.64 -30.63 2.55
C SER B 548 15.59 -30.22 3.56
N PHE B 549 14.35 -30.11 3.11
CA PHE B 549 13.21 -29.90 4.00
C PHE B 549 12.63 -31.21 4.53
N HIS B 550 13.26 -32.33 4.15
CA HIS B 550 12.81 -33.65 4.57
C HIS B 550 13.97 -34.59 4.93
N VAL B 551 13.68 -35.51 5.85
CA VAL B 551 14.62 -36.52 6.33
C VAL B 551 15.09 -37.41 5.17
N PRO B 552 16.37 -37.85 5.18
CA PRO B 552 16.87 -38.79 4.16
C PRO B 552 15.92 -39.97 3.95
N ASP B 553 15.65 -40.29 2.69
CA ASP B 553 14.66 -41.30 2.28
C ASP B 553 13.34 -41.29 3.07
C1 NAG C . 20.71 3.87 -30.04
C2 NAG C . 21.40 3.51 -31.35
C3 NAG C . 22.54 4.47 -31.68
C4 NAG C . 22.61 5.65 -30.70
C5 NAG C . 22.58 5.20 -29.23
C6 NAG C . 22.30 6.37 -28.28
C7 NAG C . 21.56 1.24 -32.22
C8 NAG C . 22.19 -0.12 -32.09
N2 NAG C . 21.93 2.16 -31.33
O3 NAG C . 22.38 4.95 -33.00
O4 NAG C . 23.69 6.56 -30.95
O5 NAG C . 21.63 4.16 -29.00
O6 NAG C . 21.30 7.20 -28.83
O7 NAG C . 20.75 1.44 -33.13
C1 NDG C . 25.02 5.95 -31.02
C2 NDG C . 26.08 6.87 -30.41
C3 NDG C . 26.35 8.12 -31.26
C4 NDG C . 25.68 8.13 -32.65
C5 NDG C . 25.35 6.74 -33.26
C6 NDG C . 26.23 6.45 -34.47
C7 NDG C . 26.40 6.76 -27.98
C8 NDG C . 25.94 7.24 -26.63
O5 NDG C . 25.44 5.66 -32.33
O3 NDG C . 27.75 8.29 -31.40
O4 NDG C . 24.48 8.87 -32.60
O6 NDG C . 25.54 5.58 -35.34
O7 NDG C . 27.32 5.93 -28.05
N2 NDG C . 25.75 7.25 -29.04
C1 NAG D . -8.88 42.37 7.96
C2 NAG D . -8.19 43.60 7.41
C3 NAG D . -9.16 44.75 7.66
C4 NAG D . -10.53 44.35 7.06
C5 NAG D . -10.82 42.82 7.08
C6 NAG D . -11.86 42.44 6.02
C7 NAG D . -5.87 44.32 7.26
C8 NAG D . -4.52 44.37 7.89
N2 NAG D . -6.84 43.72 7.95
O3 NAG D . -8.67 45.92 7.05
O4 NAG D . -11.52 45.08 7.77
O5 NAG D . -9.66 41.98 6.96
O6 NAG D . -13.15 42.67 6.55
O7 NAG D . -6.05 44.84 6.15
C1 NAG D . -12.41 45.80 6.88
C2 NAG D . -13.55 46.46 7.66
C3 NAG D . -14.51 47.09 6.66
C4 NAG D . -13.74 48.16 5.90
C5 NAG D . -12.60 47.48 5.14
C6 NAG D . -11.74 48.47 4.36
C7 NAG D . -14.10 45.65 9.88
C8 NAG D . -14.88 44.67 10.71
N2 NAG D . -14.24 45.55 8.56
O3 NAG D . -15.65 47.61 7.32
O4 NAG D . -14.58 48.92 5.03
O5 NAG D . -11.77 46.77 6.06
O6 NAG D . -10.77 47.78 3.59
O7 NAG D . -13.38 46.48 10.44
C1 BMA D . -15.03 50.12 5.71
C2 BMA D . -14.54 51.42 5.03
C3 BMA D . -15.58 52.03 4.08
C4 BMA D . -16.61 50.99 3.63
C5 BMA D . -17.31 50.32 4.82
C6 BMA D . -17.93 48.98 4.39
O2 BMA D . -13.32 51.19 4.36
O3 BMA D . -14.94 52.59 2.96
O4 BMA D . -17.56 51.60 2.78
O5 BMA D . -16.45 50.14 5.94
O6 BMA D . -18.56 48.36 5.49
C1 NAG E . 13.04 7.34 5.09
C2 NAG E . 13.19 7.22 6.61
C3 NAG E . 13.91 8.42 7.25
C4 NAG E . 15.16 8.83 6.47
C5 NAG E . 14.79 9.00 5.00
C6 NAG E . 16.00 9.36 4.15
C7 NAG E . 11.50 5.80 7.68
C8 NAG E . 10.13 5.71 8.27
N2 NAG E . 11.88 7.00 7.22
O3 NAG E . 14.23 8.05 8.56
O4 NAG E . 15.74 10.07 6.85
O5 NAG E . 14.24 7.81 4.50
O6 NAG E . 17.00 8.36 4.26
O7 NAG E . 12.21 4.79 7.64
C1 NDG E . 16.52 10.13 8.08
C2 NDG E . 17.35 11.43 8.17
C3 NDG E . 18.81 11.26 7.74
C4 NDG E . 19.46 10.04 8.38
C5 NDG E . 18.61 8.79 8.12
C6 NDG E . 19.15 7.63 8.95
C7 NDG E . 16.85 12.83 6.15
C8 NDG E . 16.14 14.06 5.68
O5 NDG E . 17.24 8.93 8.45
O3 NDG E . 19.54 12.42 8.10
O4 NDG E . 20.76 9.86 7.83
O6 NDG E . 18.73 7.78 10.29
O7 NDG E . 17.48 12.15 5.33
N2 NDG E . 16.74 12.56 7.46
C1 BMA E . 21.91 10.29 8.61
C2 BMA E . 21.65 10.74 10.06
C3 BMA E . 22.94 11.33 10.63
C4 BMA E . 24.10 10.34 10.49
C5 BMA E . 24.21 9.76 9.07
C6 BMA E . 25.12 8.54 9.04
O2 BMA E . 21.24 9.65 10.86
O3 BMA E . 22.76 11.64 11.99
O4 BMA E . 25.31 10.99 10.84
O5 BMA E . 22.94 9.33 8.60
O6 BMA E . 26.48 8.90 9.01
C1 MAN E . 27.15 8.25 10.14
C2 MAN E . 28.53 8.88 10.32
C3 MAN E . 29.16 8.34 11.61
C4 MAN E . 29.17 6.80 11.63
C5 MAN E . 27.90 6.12 11.08
C6 MAN E . 26.91 5.74 12.20
O2 MAN E . 28.45 10.28 10.37
O3 MAN E . 28.43 8.81 12.73
O4 MAN E . 30.30 6.33 10.93
O5 MAN E . 27.25 6.83 10.03
O6 MAN E . 26.74 6.82 13.09
C1 MAN E . 26.55 6.44 14.49
C2 MAN E . 27.62 5.49 15.05
C3 MAN E . 27.47 5.44 16.58
C4 MAN E . 26.02 5.19 17.05
C5 MAN E . 24.92 5.78 16.16
C6 MAN E . 24.30 7.08 16.70
O2 MAN E . 28.91 5.92 14.71
O3 MAN E . 27.94 6.64 17.14
O4 MAN E . 25.82 3.81 17.21
O5 MAN E . 25.26 5.92 14.77
O6 MAN E . 25.30 8.01 17.06
C1 NAG F . -31.90 -14.78 9.70
C2 NAG F . -33.11 -15.72 9.64
C3 NAG F . -34.00 -15.53 10.87
C4 NAG F . -33.19 -15.59 12.18
C5 NAG F . -31.95 -14.70 12.07
C6 NAG F . -31.05 -14.79 13.31
C7 NAG F . -33.78 -16.33 7.36
C8 NAG F . -34.68 -15.99 6.20
N2 NAG F . -33.89 -15.53 8.43
O3 NAG F . -35.01 -16.51 10.86
O4 NAG F . -34.01 -15.17 13.26
O5 NAG F . -31.20 -15.03 10.91
O6 NAG F . -30.27 -15.96 13.29
O7 NAG F . -33.02 -17.31 7.29
C1 NDG F . -34.48 -16.26 14.11
C2 NDG F . -35.04 -15.70 15.41
C3 NDG F . -35.74 -16.80 16.20
C4 NDG F . -35.46 -18.20 15.63
C5 NDG F . -33.99 -18.37 15.19
C6 NDG F . -33.73 -19.70 14.48
C7 NDG F . -33.43 -13.95 16.11
C8 NDG F . -32.33 -13.62 17.07
O5 NDG F . -33.53 -17.29 14.38
O3 NDG F . -37.13 -16.55 16.23
O4 NDG F . -35.80 -19.17 16.60
O6 NDG F . -34.28 -19.72 13.18
O7 NDG F . -33.80 -13.13 15.27
N2 NDG F . -33.96 -15.17 16.24
C1 NAG G . 27.43 -24.61 23.54
C2 NAG G . 26.61 -25.20 24.64
C3 NAG G . 27.41 -26.43 25.15
C4 NAG G . 28.17 -27.27 24.09
C5 NAG G . 28.45 -26.57 22.76
C6 NAG G . 28.40 -27.55 21.59
C7 NAG G . 25.95 -24.44 26.93
C8 NAG G . 26.12 -23.33 27.91
N2 NAG G . 26.59 -24.27 25.77
O3 NAG G . 26.55 -27.30 25.86
O4 NAG G . 29.41 -27.69 24.66
O5 NAG G . 27.50 -25.54 22.49
O6 NAG G . 29.11 -27.01 20.51
O7 NAG G . 25.25 -25.42 27.22
C1 NAG G . 29.64 -29.11 24.42
C2 NAG G . 31.16 -29.36 24.35
C3 NAG G . 31.51 -30.86 24.41
C4 NAG G . 30.70 -31.60 25.47
C5 NAG G . 29.21 -31.33 25.22
C6 NAG G . 28.28 -32.10 26.15
C7 NAG G . 32.73 -27.97 23.06
C8 NAG G . 33.17 -27.56 21.70
N2 NAG G . 31.71 -28.83 23.12
O3 NAG G . 32.90 -31.00 24.65
O4 NAG G . 31.02 -32.98 25.45
O5 NAG G . 28.99 -29.94 25.38
O6 NAG G . 28.40 -31.61 27.46
O7 NAG G . 33.30 -27.51 24.06
C1 MAN G . 31.61 -33.36 26.72
C2 MAN G . 33.13 -33.54 26.59
C3 MAN G . 33.51 -34.92 26.04
C4 MAN G . 32.76 -36.03 26.78
C5 MAN G . 31.25 -35.76 26.80
C6 MAN G . 30.49 -36.81 27.59
O2 MAN G . 33.74 -33.30 27.84
O3 MAN G . 34.90 -35.12 26.12
O4 MAN G . 33.03 -37.27 26.15
O5 MAN G . 30.99 -34.47 27.35
O6 MAN G . 29.11 -36.75 27.29
C1 NAG H . -1.43 3.59 15.19
C2 NAG H . -0.73 4.92 15.45
C3 NAG H . -0.22 5.01 16.89
C4 NAG H . -1.31 4.68 17.91
C5 NAG H . -1.97 3.35 17.55
C6 NAG H . -3.18 3.05 18.44
C7 NAG H . 0.43 6.15 13.66
C8 NAG H . 1.63 6.20 12.76
N2 NAG H . 0.37 5.12 14.52
O3 NAG H . 0.28 6.31 17.13
O4 NAG H . -0.76 4.57 19.21
O5 NAG H . -2.38 3.30 16.20
O6 NAG H . -4.28 3.83 18.08
O7 NAG H . -0.42 7.04 13.59
C1 NDG H . -1.14 5.60 20.16
C2 NDG H . -0.65 5.19 21.56
C3 NDG H . -1.48 5.73 22.74
C4 NDG H . -2.38 6.95 22.47
C5 NDG H . -2.94 7.02 21.03
C6 NDG H . -2.73 8.38 20.38
C7 NDG H . -1.41 2.82 21.75
C8 NDG H . -0.94 1.40 21.86
O5 NDG H . -2.53 5.92 20.19
O3 NDG H . -0.59 6.05 23.80
O4 NDG H . -3.52 6.86 23.31
O6 NDG H . -1.37 8.72 20.31
O7 NDG H . -2.63 3.06 21.73
N2 NDG H . -0.45 3.75 21.68
C1 BMA H . -3.60 7.69 24.51
C2 BMA H . -2.34 7.78 25.38
C3 BMA H . -2.74 8.26 26.78
C4 BMA H . -3.66 9.49 26.73
C5 BMA H . -4.70 9.46 25.59
C6 BMA H . -5.33 10.85 25.37
O2 BMA H . -1.38 8.65 24.82
O3 BMA H . -1.58 8.56 27.52
O4 BMA H . -4.33 9.54 27.97
O5 BMA H . -4.14 9.00 24.37
O6 BMA H . -6.25 11.14 26.40
CHA HEM I . 3.61 26.49 -2.65
CHB HEM I . 1.92 30.84 -1.36
CHC HEM I . -2.02 30.06 -4.10
CHD HEM I . -0.48 25.59 -5.19
C1A HEM I . 3.52 27.73 -2.05
C2A HEM I . 4.48 28.32 -1.15
C3A HEM I . 4.02 29.53 -0.79
C4A HEM I . 2.74 29.73 -1.46
CMA HEM I . 4.70 30.54 0.17
CAA HEM I . 5.81 27.66 -0.70
CBA HEM I . 6.83 27.75 -1.83
CGA HEM I . 8.17 28.28 -1.39
O1A HEM I . 8.22 29.34 -0.70
O2A HEM I . 9.21 27.66 -1.74
C1B HEM I . 0.68 30.98 -1.95
C2B HEM I . -0.27 32.06 -1.69
C3B HEM I . -1.36 31.84 -2.45
C4B HEM I . -1.14 30.62 -3.20
CMB HEM I . -0.02 33.22 -0.71
CAB HEM I . -2.64 32.71 -2.51
CBB HEM I . -2.59 34.04 -2.69
C1C HEM I . -1.95 28.80 -4.64
C2C HEM I . -2.91 28.20 -5.54
C3C HEM I . -2.49 26.96 -5.85
C4C HEM I . -1.25 26.74 -5.15
CMC HEM I . -4.21 28.85 -6.08
CAC HEM I . -3.22 25.97 -6.79
CBC HEM I . -3.57 24.75 -6.39
C1D HEM I . 0.70 25.37 -4.51
C2D HEM I . 1.32 24.08 -4.29
C3D HEM I . 2.60 24.37 -3.50
C4D HEM I . 2.62 25.80 -3.31
CMD HEM I . 0.80 22.71 -4.76
CAD HEM I . 3.65 23.35 -2.97
CBD HEM I . 3.15 22.73 -1.67
CGD HEM I . 4.23 21.96 -0.95
O1D HEM I . 5.30 21.68 -1.55
O2D HEM I . 4.02 21.61 0.23
NA HEM I . 2.47 28.62 -2.22
NB HEM I . 0.10 30.13 -2.88
NC HEM I . -0.95 27.88 -4.43
ND HEM I . 1.50 26.35 -3.92
FE HEM I . 0.75 28.27 -3.37
C FLP J . -4.23 18.64 -14.13
C1 FLP J . -5.07 17.93 -14.98
C2 FLP J . -6.25 17.36 -14.48
C3 FLP J . -6.55 17.48 -13.13
C4 FLP J . -5.70 18.19 -12.27
C5 FLP J . -4.54 18.77 -12.78
C6 FLP J . -7.08 16.62 -15.33
C7 FLP J . -7.42 15.34 -14.92
C8 FLP J . -8.23 14.53 -15.71
C9 FLP J . -8.70 15.00 -16.93
C10 FLP J . -8.35 16.28 -17.37
C11 FLP J . -7.53 17.09 -16.57
C12 FLP J . -9.57 14.04 -17.76
C13 FLP J . -10.95 14.65 -18.09
C14 FLP J . -8.75 13.66 -19.01
O FLP J . -7.99 12.69 -18.89
O1 FLP J . -8.85 14.40 -20.03
F FLP J . -7.23 18.33 -16.99
C1 BOG K . -6.06 9.73 -23.94
O1 BOG K . -7.34 9.81 -23.39
C2 BOG K . -5.61 11.08 -24.37
O2 BOG K . -6.64 11.69 -25.09
C3 BOG K . -4.40 10.82 -25.21
O3 BOG K . -4.01 12.01 -25.87
C4 BOG K . -3.34 10.27 -24.26
O4 BOG K . -2.13 9.95 -24.91
C5 BOG K . -3.91 9.04 -23.55
O5 BOG K . -5.11 9.44 -22.97
C6 BOG K . -3.09 8.54 -22.38
O6 BOG K . -2.96 9.51 -21.36
C1' BOG K . -8.03 8.74 -23.97
C2' BOG K . -9.48 8.91 -23.60
C3' BOG K . -10.31 8.29 -24.70
C4' BOG K . -11.72 8.85 -24.69
C5' BOG K . -11.79 10.02 -25.66
C6' BOG K . -12.44 9.62 -26.98
C7' BOG K . -13.16 10.80 -27.65
C8' BOG K . -14.38 10.34 -28.46
CHA HEM L . 6.01 -17.05 19.71
CHB HEM L . 9.34 -19.86 21.82
CHC HEM L . 9.66 -22.54 17.78
CHD HEM L . 6.23 -19.81 15.67
C1A HEM L . 6.91 -17.55 20.63
C2A HEM L . 7.24 -16.95 21.91
C3A HEM L . 8.17 -17.73 22.50
C4A HEM L . 8.45 -18.84 21.60
CMA HEM L . 8.84 -17.53 23.87
CAA HEM L . 6.62 -15.65 22.48
CBA HEM L . 5.57 -15.98 23.55
CGA HEM L . 4.94 -14.72 24.13
O1A HEM L . 5.54 -14.08 25.03
O2A HEM L . 3.82 -14.36 23.70
C1B HEM L . 9.80 -20.75 20.87
C2B HEM L . 11.03 -21.53 20.95
C3B HEM L . 11.11 -22.27 19.84
C4B HEM L . 9.96 -21.99 19.02
CMB HEM L . 12.02 -21.48 22.13
CAB HEM L . 12.26 -23.26 19.48
CBB HEM L . 12.67 -24.19 20.34
C1C HEM L . 8.77 -22.05 16.85
C2C HEM L . 8.55 -22.54 15.50
C3C HEM L . 7.60 -21.79 14.91
C4C HEM L . 7.19 -20.77 15.88
CMC HEM L . 9.26 -23.73 14.84
CAC HEM L . 7.04 -21.96 13.49
CBC HEM L . 7.11 -20.97 12.59
C1D HEM L . 5.95 -18.74 16.51
C2D HEM L . 5.29 -17.52 16.10
C3D HEM L . 5.22 -16.66 17.37
C4D HEM L . 5.86 -17.45 18.40
CMD HEM L . 4.76 -17.16 14.70
CAD HEM L . 4.61 -15.25 17.52
CBD HEM L . 5.63 -14.20 17.08
CGD HEM L . 5.12 -12.82 17.43
O1D HEM L . 3.90 -12.54 17.28
O2D HEM L . 5.95 -11.98 17.88
NA HEM L . 7.66 -18.70 20.47
NB HEM L . 9.18 -21.05 19.68
NC HEM L . 7.91 -20.98 17.04
ND HEM L . 6.27 -18.66 17.85
FE HEM L . 7.79 -19.87 18.75
C1 BOG M . -12.84 -39.17 -1.28
O1 BOG M . -13.39 -40.01 -2.24
C2 BOG M . -13.96 -38.44 -0.59
O2 BOG M . -14.76 -37.83 -1.55
C3 BOG M . -13.32 -37.44 0.31
O3 BOG M . -14.32 -36.60 0.85
C4 BOG M . -12.57 -38.25 1.38
O4 BOG M . -11.90 -37.42 2.30
C5 BOG M . -11.57 -39.17 0.69
O5 BOG M . -12.29 -39.91 -0.25
C6 BOG M . -11.03 -40.23 1.60
O6 BOG M . -9.82 -40.76 1.10
C1' BOG M . -12.64 -39.87 -3.40
C1 BOG N . -9.08 -24.31 -3.78
O1 BOG N . -7.81 -24.15 -4.32
C2 BOG N . -9.07 -25.50 -2.87
O2 BOG N . -8.48 -26.57 -3.55
C3 BOG N . -10.49 -25.76 -2.52
O3 BOG N . -10.59 -26.98 -1.83
C4 BOG N . -10.96 -24.57 -1.70
O4 BOG N . -12.31 -24.66 -1.31
C5 BOG N . -10.74 -23.29 -2.52
O5 BOG N . -9.39 -23.30 -2.89
C6 BOG N . -10.84 -22.02 -1.71
O6 BOG N . -12.20 -21.64 -1.64
#